data_8A93
#
_entry.id   8A93
#
_cell.length_a   1.00
_cell.length_b   1.00
_cell.length_c   1.00
_cell.angle_alpha   90.00
_cell.angle_beta   90.00
_cell.angle_gamma   90.00
#
_symmetry.space_group_name_H-M   'P 1'
#
loop_
_entity.id
_entity.type
_entity.pdbx_description
1 polymer 'DNA replication and repair protein RecF'
2 polymer 'Recombination protein RecR'
3 polymer Oligo1
4 polymer Oligo2
5 non-polymer 'PHOSPHOAMINOPHOSPHONIC ACID-ADENYLATE ESTER'
6 non-polymer 'MAGNESIUM ION'
#
loop_
_entity_poly.entity_id
_entity_poly.type
_entity_poly.pdbx_seq_one_letter_code
_entity_poly.pdbx_strand_id
1 'polypeptide(L)'
;SMRLLLFRQRNFRNLALEAYRPPPGLSALVGANAQGKTSLLLGIHLALGGEVPLGLADLVRFGEEEAWLHAEVETELGAY
RLEHRLGPGGREVLLNGKRVSLRTLWELPGSVLVSPLDLEAVLGPKEERRAYLDRLIARFSRRYAALLSAYEKALRQRNA
LLKAGGEGLSAWDRELARYGDEIVALRRRFLRRFAPILREVHAALAAKEAGLRLEETAGEGVLRALEASRAEERERGQTL
VGPHRDDLVFLLEGRPAHRFASRGEAKTLALALRLAEHRLLGEHHGEPPLLLVDEWGEELDEARRRAVLAYAQALPQAIL
AGLEAPPGVPVCSVVRGVVLCPGA
;
A,B
2 'polypeptide(L)'
;SMRYPESLLKLTRALSRLPGIGPKTAQRLALHLAFHKEEAEALAEALEGIKRVRACRECGNLAEGELCPICQDEDRDRSL
LAVVESVADLYALERSGEFRGLYHVLGGALNPLEGIGPKELNLEGLFRRLEGVEEVVLATSMTVEGEATALYLAEELKKR
GVRVTRPAYGLPVGGSLEYADEVTLGRALEGRRPV
;
C,D,F
3 'polydeoxyribonucleotide'
;(DG)(DG)(DC)(DC)(DA)(DG)(DA)(DT)(DC)(DT)(DG)(DC)(DC)(DG)(DC)(DG)(DG)(DA)(DT)(DC)
(DC)(DG)(DC)(DG)(DC)
;
X
4 'polydeoxyribonucleotide'
;(DG)(DC)(DG)(DC)(DG)(DG)(DA)(DT)(DC)(DC)(DG)(DC)(DG)(DG)(DC)(DA)(DG)(DA)(DT)(DC)
(DT)(DG)(DG)(DC)(DC)(DT)(DG)(DA)(DT)(DT)(DG)(DC)(DG)(DG)(DT)(DA)(DC)(DA)(DG)(DA)
;
Y
#
# COMPACT_ATOMS: atom_id res chain seq x y z
N MET A 2 -10.28 -5.38 -27.90
CA MET A 2 -10.94 -4.95 -26.66
C MET A 2 -11.59 -3.59 -26.83
N ARG A 3 -12.83 -3.46 -26.36
CA ARG A 3 -13.57 -2.22 -26.44
C ARG A 3 -14.80 -2.25 -25.55
N LEU A 4 -15.03 -1.20 -24.78
CA LEU A 4 -16.19 -1.09 -23.91
C LEU A 4 -17.30 -0.36 -24.64
N LEU A 5 -18.54 -0.81 -24.44
CA LEU A 5 -19.68 -0.29 -25.19
C LEU A 5 -20.72 0.41 -24.33
N LEU A 6 -21.03 -0.12 -23.15
CA LEU A 6 -22.09 0.46 -22.33
C LEU A 6 -21.85 0.12 -20.86
N PHE A 7 -22.21 1.05 -19.99
CA PHE A 7 -22.09 0.86 -18.54
C PHE A 7 -23.32 1.45 -17.87
N ARG A 8 -23.98 0.64 -17.04
CA ARG A 8 -25.16 1.07 -16.30
C ARG A 8 -25.03 0.66 -14.83
N GLN A 9 -25.65 1.43 -13.95
CA GLN A 9 -25.51 1.21 -12.52
C GLN A 9 -26.81 1.56 -11.83
N ARG A 10 -26.87 1.24 -10.53
CA ARG A 10 -28.02 1.58 -9.70
C ARG A 10 -27.58 1.55 -8.23
N ASN A 11 -27.63 2.70 -7.56
CA ASN A 11 -27.31 2.82 -6.15
C ASN A 11 -25.87 2.40 -5.85
N PHE A 12 -24.94 3.05 -6.55
CA PHE A 12 -23.51 2.83 -6.35
C PHE A 12 -22.87 4.14 -5.92
N ARG A 13 -22.33 4.17 -4.71
CA ARG A 13 -21.71 5.36 -4.11
C ARG A 13 -22.72 6.51 -4.20
N ASN A 14 -22.33 7.68 -4.70
CA ASN A 14 -23.24 8.80 -4.89
C ASN A 14 -23.65 8.97 -6.34
N LEU A 15 -23.34 8.00 -7.20
CA LEU A 15 -23.65 8.11 -8.61
C LEU A 15 -25.14 8.11 -8.85
N ALA A 16 -25.56 8.82 -9.90
CA ALA A 16 -26.96 8.84 -10.32
C ALA A 16 -26.98 9.11 -11.82
N LEU A 17 -27.12 8.05 -12.60
CA LEU A 17 -27.12 8.17 -14.05
C LEU A 17 -27.79 6.94 -14.65
N GLU A 18 -28.00 6.98 -15.96
CA GLU A 18 -28.64 5.90 -16.70
C GLU A 18 -27.66 5.09 -17.53
N ALA A 19 -26.89 5.74 -18.39
CA ALA A 19 -25.96 5.03 -19.26
C ALA A 19 -24.79 5.94 -19.60
N TYR A 20 -23.70 5.31 -20.06
CA TYR A 20 -22.51 6.03 -20.46
C TYR A 20 -21.83 5.23 -21.56
N ARG A 21 -21.58 5.87 -22.70
CA ARG A 21 -21.02 5.21 -23.88
C ARG A 21 -19.74 5.92 -24.29
N PRO A 22 -18.59 5.50 -23.79
CA PRO A 22 -17.32 6.12 -24.18
C PRO A 22 -17.00 5.84 -25.63
N PRO A 23 -16.42 6.80 -26.35
CA PRO A 23 -16.04 6.57 -27.74
C PRO A 23 -14.77 5.74 -27.81
N PRO A 24 -14.48 5.13 -28.98
CA PRO A 24 -13.24 4.36 -29.12
C PRO A 24 -12.04 5.28 -29.31
N GLY A 25 -11.09 5.19 -28.38
CA GLY A 25 -9.92 6.06 -28.42
C GLY A 25 -9.75 6.86 -27.16
N LEU A 26 -9.00 7.96 -27.24
CA LEU A 26 -8.79 8.80 -26.07
C LEU A 26 -10.07 9.52 -25.68
N SER A 27 -10.32 9.60 -24.38
CA SER A 27 -11.48 10.28 -23.83
C SER A 27 -11.02 11.17 -22.68
N ALA A 28 -11.98 11.83 -22.04
CA ALA A 28 -11.66 12.72 -20.93
C ALA A 28 -12.88 12.92 -20.05
N LEU A 29 -12.61 13.38 -18.83
CA LEU A 29 -13.66 13.77 -17.90
C LEU A 29 -13.24 15.05 -17.20
N VAL A 30 -14.21 15.90 -16.90
CA VAL A 30 -13.96 17.19 -16.25
C VAL A 30 -15.00 17.38 -15.15
N GLY A 31 -14.53 17.77 -13.96
CA GLY A 31 -15.44 18.02 -12.86
C GLY A 31 -14.72 18.68 -11.70
N ALA A 32 -15.50 19.36 -10.87
CA ALA A 32 -14.97 20.04 -9.70
C ALA A 32 -14.78 19.03 -8.57
N ASN A 33 -14.55 19.53 -7.36
CA ASN A 33 -14.37 18.65 -6.21
C ASN A 33 -15.69 18.01 -5.81
N ALA A 34 -15.62 16.74 -5.40
CA ALA A 34 -16.78 15.98 -4.90
C ALA A 34 -17.92 15.94 -5.92
N GLN A 35 -17.63 15.31 -7.06
CA GLN A 35 -18.63 15.14 -8.11
C GLN A 35 -18.83 13.69 -8.51
N GLY A 36 -17.78 12.89 -8.58
CA GLY A 36 -17.96 11.47 -8.85
C GLY A 36 -17.08 10.86 -9.92
N LYS A 37 -16.03 11.56 -10.34
CA LYS A 37 -15.11 10.98 -11.32
C LYS A 37 -14.43 9.73 -10.77
N THR A 38 -13.91 9.82 -9.54
CA THR A 38 -13.30 8.67 -8.91
C THR A 38 -14.30 7.55 -8.71
N SER A 39 -15.54 7.91 -8.33
CA SER A 39 -16.57 6.90 -8.16
C SER A 39 -16.88 6.18 -9.47
N LEU A 40 -16.96 6.94 -10.57
CA LEU A 40 -17.24 6.33 -11.87
C LEU A 40 -16.11 5.39 -12.30
N LEU A 41 -14.87 5.84 -12.15
CA LEU A 41 -13.74 4.99 -12.53
C LEU A 41 -13.67 3.74 -11.66
N LEU A 42 -13.91 3.88 -10.36
CA LEU A 42 -13.91 2.74 -9.46
C LEU A 42 -15.02 1.76 -9.83
N GLY A 43 -16.20 2.28 -10.17
CA GLY A 43 -17.29 1.40 -10.59
C GLY A 43 -16.96 0.64 -11.85
N ILE A 44 -16.37 1.31 -12.84
CA ILE A 44 -15.98 0.63 -14.07
C ILE A 44 -14.96 -0.47 -13.77
N HIS A 45 -13.95 -0.13 -12.96
CA HIS A 45 -12.91 -1.09 -12.64
C HIS A 45 -13.48 -2.31 -11.91
N LEU A 46 -14.40 -2.08 -10.98
CA LEU A 46 -15.01 -3.20 -10.27
C LEU A 46 -15.93 -4.01 -11.17
N ALA A 47 -16.64 -3.36 -12.10
CA ALA A 47 -17.52 -4.07 -13.01
C ALA A 47 -16.73 -4.99 -13.95
N LEU A 48 -15.60 -4.51 -14.45
CA LEU A 48 -14.81 -5.32 -15.38
C LEU A 48 -14.02 -6.42 -14.68
N GLY A 49 -14.28 -6.70 -13.41
CA GLY A 49 -13.67 -7.82 -12.73
C GLY A 49 -12.45 -7.51 -11.89
N GLY A 50 -12.14 -6.25 -11.65
CA GLY A 50 -10.97 -5.88 -10.89
C GLY A 50 -11.20 -5.98 -9.39
N GLU A 51 -10.25 -5.46 -8.64
CA GLU A 51 -10.29 -5.46 -7.19
C GLU A 51 -10.25 -4.01 -6.69
N VAL A 52 -11.21 -3.66 -5.85
CA VAL A 52 -11.34 -2.31 -5.32
C VAL A 52 -10.83 -2.31 -3.88
N PRO A 53 -9.91 -1.40 -3.53
CA PRO A 53 -9.39 -1.38 -2.15
C PRO A 53 -10.45 -1.07 -1.09
N LEU A 54 -11.55 -0.42 -1.46
CA LEU A 54 -12.55 -0.04 -0.48
C LEU A 54 -13.32 -1.25 0.02
N GLY A 55 -13.86 -1.12 1.23
CA GLY A 55 -14.66 -2.20 1.79
C GLY A 55 -15.96 -2.40 1.03
N LEU A 56 -16.45 -3.64 1.05
CA LEU A 56 -17.66 -3.96 0.30
C LEU A 56 -18.88 -3.26 0.89
N ALA A 57 -18.97 -3.18 2.22
CA ALA A 57 -20.14 -2.61 2.86
C ALA A 57 -20.24 -1.10 2.72
N ASP A 58 -19.20 -0.43 2.22
CA ASP A 58 -19.20 1.02 2.09
C ASP A 58 -19.29 1.48 0.64
N LEU A 59 -19.79 0.61 -0.25
CA LEU A 59 -19.93 0.95 -1.66
C LEU A 59 -21.37 1.20 -2.07
N VAL A 60 -22.28 1.34 -1.11
CA VAL A 60 -23.69 1.57 -1.39
C VAL A 60 -24.10 2.91 -0.79
N ARG A 61 -25.29 3.37 -1.18
CA ARG A 61 -25.80 4.65 -0.71
C ARG A 61 -26.07 4.60 0.79
N PHE A 62 -26.43 5.75 1.35
CA PHE A 62 -26.78 5.87 2.76
C PHE A 62 -28.28 5.63 2.89
N GLY A 63 -28.64 4.43 3.34
CA GLY A 63 -30.04 4.07 3.49
C GLY A 63 -30.43 2.83 2.72
N GLU A 64 -29.91 2.69 1.51
CA GLU A 64 -30.18 1.53 0.69
C GLU A 64 -29.34 0.35 1.16
N GLU A 65 -29.65 -0.84 0.63
CA GLU A 65 -28.95 -2.05 1.06
C GLU A 65 -28.59 -2.97 -0.10
N GLU A 66 -28.61 -2.49 -1.34
CA GLU A 66 -28.24 -3.32 -2.48
C GLU A 66 -27.80 -2.42 -3.62
N ALA A 67 -26.82 -2.91 -4.39
CA ALA A 67 -26.27 -2.18 -5.52
C ALA A 67 -26.22 -3.08 -6.74
N TRP A 68 -26.24 -2.45 -7.91
CA TRP A 68 -26.28 -3.17 -9.17
C TRP A 68 -25.31 -2.55 -10.16
N LEU A 69 -24.56 -3.40 -10.85
CA LEU A 69 -23.61 -2.98 -11.88
C LEU A 69 -23.81 -3.83 -13.12
N HIS A 70 -23.59 -3.22 -14.29
CA HIS A 70 -23.83 -3.89 -15.56
C HIS A 70 -22.93 -3.28 -16.62
N ALA A 71 -22.19 -4.13 -17.32
CA ALA A 71 -21.29 -3.68 -18.38
C ALA A 71 -21.44 -4.58 -19.60
N GLU A 72 -21.20 -3.99 -20.77
CA GLU A 72 -21.30 -4.70 -22.04
C GLU A 72 -20.02 -4.48 -22.81
N VAL A 73 -19.19 -5.52 -22.92
CA VAL A 73 -17.88 -5.42 -23.54
C VAL A 73 -17.80 -6.44 -24.67
N GLU A 74 -17.14 -6.05 -25.76
CA GLU A 74 -16.92 -6.92 -26.90
C GLU A 74 -15.43 -6.99 -27.19
N THR A 75 -14.94 -8.19 -27.49
CA THR A 75 -13.54 -8.43 -27.73
C THR A 75 -13.33 -8.99 -29.14
N GLU A 76 -12.09 -9.42 -29.42
CA GLU A 76 -11.79 -10.01 -30.73
C GLU A 76 -12.60 -11.28 -30.98
N LEU A 77 -12.98 -11.98 -29.91
CA LEU A 77 -13.77 -13.19 -30.07
C LEU A 77 -15.25 -12.88 -30.27
N GLY A 78 -15.88 -12.25 -29.30
CA GLY A 78 -17.29 -11.92 -29.41
C GLY A 78 -17.73 -11.14 -28.19
N ALA A 79 -18.95 -10.61 -28.30
CA ALA A 79 -19.52 -9.79 -27.23
C ALA A 79 -20.06 -10.66 -26.10
N TYR A 80 -20.05 -10.10 -24.90
CA TYR A 80 -20.63 -10.75 -23.74
C TYR A 80 -20.95 -9.69 -22.69
N ARG A 81 -21.79 -10.06 -21.74
CA ARG A 81 -22.29 -9.14 -20.73
C ARG A 81 -21.91 -9.62 -19.34
N LEU A 82 -21.45 -8.68 -18.51
CA LEU A 82 -21.11 -8.96 -17.12
C LEU A 82 -22.05 -8.18 -16.21
N GLU A 83 -22.32 -8.75 -15.04
CA GLU A 83 -23.27 -8.15 -14.12
C GLU A 83 -22.91 -8.54 -12.69
N HIS A 84 -22.91 -7.56 -11.79
CA HIS A 84 -22.59 -7.76 -10.39
C HIS A 84 -23.77 -7.35 -9.52
N ARG A 85 -24.04 -8.14 -8.49
CA ARG A 85 -25.08 -7.85 -7.51
C ARG A 85 -24.41 -7.64 -6.16
N LEU A 86 -24.10 -6.38 -5.85
CA LEU A 86 -23.50 -6.03 -4.57
C LEU A 86 -24.59 -5.89 -3.52
N GLY A 87 -24.38 -6.52 -2.36
CA GLY A 87 -25.36 -6.50 -1.31
C GLY A 87 -24.80 -6.97 0.02
N PRO A 88 -25.67 -7.10 1.02
CA PRO A 88 -25.18 -7.54 2.35
C PRO A 88 -24.55 -8.92 2.33
N GLY A 89 -25.09 -9.85 1.54
CA GLY A 89 -24.55 -11.19 1.53
C GLY A 89 -23.15 -11.28 0.96
N GLY A 90 -22.91 -10.61 -0.15
CA GLY A 90 -21.61 -10.65 -0.79
C GLY A 90 -21.75 -10.54 -2.29
N ARG A 91 -20.59 -10.44 -2.94
CA ARG A 91 -20.55 -10.30 -4.39
C ARG A 91 -21.01 -11.58 -5.08
N GLU A 92 -21.67 -11.40 -6.22
CA GLU A 92 -22.03 -12.51 -7.10
C GLU A 92 -21.93 -12.04 -8.55
N VAL A 93 -21.49 -12.92 -9.42
CA VAL A 93 -21.21 -12.58 -10.81
C VAL A 93 -22.09 -13.43 -11.72
N LEU A 94 -22.66 -12.80 -12.75
CA LEU A 94 -23.53 -13.46 -13.72
C LEU A 94 -23.01 -13.16 -15.11
N LEU A 95 -22.23 -14.08 -15.66
CA LEU A 95 -21.71 -13.96 -17.02
C LEU A 95 -22.73 -14.54 -17.99
N ASN A 96 -23.33 -13.68 -18.80
CA ASN A 96 -24.36 -14.04 -19.79
C ASN A 96 -25.62 -14.62 -19.17
N GLY A 97 -25.75 -14.59 -17.85
CA GLY A 97 -26.99 -14.99 -17.20
C GLY A 97 -26.87 -16.12 -16.20
N LYS A 98 -25.69 -16.65 -15.90
CA LYS A 98 -25.55 -17.73 -14.94
C LYS A 98 -24.42 -17.42 -13.96
N ARG A 99 -24.53 -17.99 -12.76
CA ARG A 99 -23.53 -17.76 -11.73
C ARG A 99 -22.17 -18.26 -12.17
N VAL A 100 -21.14 -17.46 -11.90
CA VAL A 100 -19.77 -17.77 -12.31
C VAL A 100 -18.84 -17.42 -11.15
N SER A 101 -17.87 -18.29 -10.90
CA SER A 101 -16.87 -18.02 -9.88
C SER A 101 -15.98 -16.87 -10.29
N LEU A 102 -15.50 -16.12 -9.29
CA LEU A 102 -14.67 -14.95 -9.57
C LEU A 102 -13.34 -15.33 -10.23
N ARG A 103 -12.85 -16.54 -9.97
CA ARG A 103 -11.59 -16.97 -10.56
C ARG A 103 -11.68 -17.12 -12.07
N THR A 104 -12.89 -17.29 -12.62
CA THR A 104 -13.03 -17.44 -14.07
C THR A 104 -12.68 -16.15 -14.79
N LEU A 105 -13.06 -15.00 -14.22
CA LEU A 105 -12.76 -13.72 -14.85
C LEU A 105 -11.26 -13.43 -14.90
N TRP A 106 -10.45 -14.18 -14.13
CA TRP A 106 -9.01 -13.98 -14.15
C TRP A 106 -8.41 -14.26 -15.52
N GLU A 107 -9.09 -15.02 -16.37
CA GLU A 107 -8.61 -15.29 -17.72
C GLU A 107 -9.02 -14.23 -18.72
N LEU A 108 -9.89 -13.29 -18.34
CA LEU A 108 -10.34 -12.24 -19.23
C LEU A 108 -9.30 -11.12 -19.29
N PRO A 109 -9.36 -10.28 -20.33
CA PRO A 109 -8.39 -9.16 -20.41
C PRO A 109 -8.41 -8.25 -19.20
N GLY A 110 -9.55 -7.67 -18.87
CA GLY A 110 -9.64 -6.82 -17.69
C GLY A 110 -9.20 -5.39 -17.98
N SER A 111 -8.75 -4.71 -16.92
CA SER A 111 -8.32 -3.32 -17.01
C SER A 111 -7.33 -3.01 -15.91
N VAL A 112 -6.60 -1.91 -16.08
CA VAL A 112 -5.62 -1.44 -15.12
C VAL A 112 -6.00 -0.04 -14.67
N LEU A 113 -5.81 0.25 -13.39
CA LEU A 113 -6.18 1.52 -12.80
C LEU A 113 -4.95 2.18 -12.20
N VAL A 114 -4.83 3.50 -12.39
CA VAL A 114 -3.71 4.29 -11.89
C VAL A 114 -4.24 5.27 -10.86
N SER A 115 -3.61 5.30 -9.69
CA SER A 115 -4.06 6.12 -8.58
C SER A 115 -2.84 6.49 -7.74
N PRO A 116 -2.95 7.52 -6.89
CA PRO A 116 -1.81 7.90 -6.04
C PRO A 116 -1.32 6.80 -5.11
N LEU A 117 -2.05 5.69 -4.97
CA LEU A 117 -1.56 4.58 -4.16
C LEU A 117 -0.25 4.03 -4.71
N ASP A 118 -0.08 4.02 -6.03
CA ASP A 118 1.20 3.62 -6.62
C ASP A 118 2.31 4.56 -6.18
N LEU A 119 2.04 5.87 -6.20
CA LEU A 119 3.02 6.84 -5.74
C LEU A 119 3.39 6.60 -4.29
N GLU A 120 2.40 6.29 -3.44
CA GLU A 120 2.69 5.98 -2.05
C GLU A 120 3.55 4.72 -1.94
N ALA A 121 3.27 3.71 -2.77
CA ALA A 121 4.02 2.46 -2.71
C ALA A 121 5.47 2.64 -3.15
N VAL A 122 5.73 3.52 -4.13
CA VAL A 122 7.10 3.72 -4.60
C VAL A 122 7.98 4.29 -3.48
N LEU A 123 7.46 5.24 -2.73
CA LEU A 123 8.22 5.92 -1.68
C LEU A 123 7.99 5.31 -0.30
N GLY A 124 7.64 4.03 -0.24
CA GLY A 124 7.33 3.38 1.01
C GLY A 124 8.49 2.63 1.61
N PRO A 125 8.25 1.95 2.74
CA PRO A 125 9.31 1.16 3.37
C PRO A 125 9.67 -0.09 2.59
N LYS A 126 10.56 -0.91 3.15
CA LYS A 126 11.03 -2.12 2.48
C LYS A 126 9.90 -3.11 2.28
N GLU A 127 9.08 -3.33 3.31
CA GLU A 127 8.04 -4.35 3.25
C GLU A 127 7.00 -4.01 2.19
N GLU A 128 6.65 -2.73 2.05
CA GLU A 128 5.68 -2.34 1.03
C GLU A 128 6.22 -2.61 -0.37
N ARG A 129 7.49 -2.31 -0.61
CA ARG A 129 8.07 -2.59 -1.92
C ARG A 129 8.10 -4.09 -2.21
N ARG A 130 8.48 -4.90 -1.21
CA ARG A 130 8.49 -6.34 -1.41
C ARG A 130 7.08 -6.87 -1.70
N ALA A 131 6.09 -6.36 -0.97
CA ALA A 131 4.71 -6.78 -1.20
C ALA A 131 4.23 -6.37 -2.59
N TYR A 132 4.61 -5.17 -3.03
CA TYR A 132 4.26 -4.74 -4.38
C TYR A 132 4.85 -5.67 -5.42
N LEU A 133 6.13 -6.05 -5.25
CA LEU A 133 6.74 -6.96 -6.21
C LEU A 133 6.04 -8.30 -6.22
N ASP A 134 5.71 -8.83 -5.03
CA ASP A 134 5.01 -10.10 -4.94
C ASP A 134 3.66 -10.05 -5.64
N ARG A 135 2.88 -9.00 -5.38
CA ARG A 135 1.57 -8.88 -6.01
C ARG A 135 1.68 -8.71 -7.52
N LEU A 136 2.69 -7.97 -7.97
CA LEU A 136 2.88 -7.82 -9.42
C LEU A 136 3.19 -9.15 -10.08
N ILE A 137 4.10 -9.93 -9.49
CA ILE A 137 4.45 -11.20 -10.10
C ILE A 137 3.30 -12.19 -10.02
N ALA A 138 2.48 -12.12 -8.96
CA ALA A 138 1.42 -13.10 -8.77
C ALA A 138 0.33 -13.03 -9.84
N ARG A 139 0.28 -11.97 -10.65
CA ARG A 139 -0.74 -11.86 -11.67
C ARG A 139 -0.38 -12.59 -12.96
N PHE A 140 0.78 -13.23 -13.03
CA PHE A 140 1.21 -13.94 -14.23
C PHE A 140 1.31 -15.44 -14.04
N SER A 141 1.09 -15.94 -12.81
CA SER A 141 1.16 -17.37 -12.54
C SER A 141 0.59 -17.64 -11.16
N ARG A 142 -0.01 -18.83 -11.00
CA ARG A 142 -0.51 -19.27 -9.71
C ARG A 142 0.51 -20.13 -8.97
N ARG A 143 1.45 -20.75 -9.69
CA ARG A 143 2.51 -21.51 -9.06
C ARG A 143 3.28 -20.64 -8.07
N TYR A 144 3.47 -19.37 -8.40
CA TYR A 144 4.15 -18.46 -7.49
C TYR A 144 3.38 -18.31 -6.18
N ALA A 145 2.06 -18.17 -6.24
CA ALA A 145 1.27 -18.05 -5.03
C ALA A 145 1.33 -19.33 -4.21
N ALA A 146 1.24 -20.49 -4.87
CA ALA A 146 1.33 -21.75 -4.14
C ALA A 146 2.68 -21.89 -3.45
N LEU A 147 3.77 -21.55 -4.16
CA LEU A 147 5.10 -21.63 -3.56
C LEU A 147 5.22 -20.68 -2.38
N LEU A 148 4.66 -19.47 -2.50
CA LEU A 148 4.72 -18.52 -1.39
C LEU A 148 3.99 -19.04 -0.17
N SER A 149 2.80 -19.62 -0.37
CA SER A 149 2.06 -20.17 0.77
C SER A 149 2.82 -21.31 1.43
N ALA A 150 3.37 -22.22 0.63
CA ALA A 150 4.12 -23.33 1.19
C ALA A 150 5.35 -22.86 1.95
N TYR A 151 6.07 -21.88 1.38
CA TYR A 151 7.24 -21.35 2.06
C TYR A 151 6.88 -20.69 3.38
N GLU A 152 5.78 -19.94 3.40
CA GLU A 152 5.35 -19.29 4.63
C GLU A 152 5.02 -20.32 5.70
N LYS A 153 4.30 -21.38 5.33
CA LYS A 153 3.98 -22.42 6.31
C LYS A 153 5.23 -23.11 6.84
N ALA A 154 6.17 -23.42 5.96
CA ALA A 154 7.40 -24.08 6.39
C ALA A 154 8.21 -23.18 7.32
N LEU A 155 8.29 -21.88 6.99
CA LEU A 155 9.03 -20.95 7.83
C LEU A 155 8.39 -20.84 9.21
N ARG A 156 7.06 -20.77 9.27
CA ARG A 156 6.39 -20.73 10.56
C ARG A 156 6.68 -21.98 11.38
N GLN A 157 6.63 -23.15 10.73
CA GLN A 157 6.91 -24.40 11.44
C GLN A 157 8.33 -24.40 12.00
N ARG A 158 9.31 -24.04 11.19
CA ARG A 158 10.69 -24.09 11.67
C ARG A 158 10.93 -23.07 12.77
N ASN A 159 10.36 -21.86 12.64
CA ASN A 159 10.53 -20.87 13.70
C ASN A 159 9.90 -21.34 15.00
N ALA A 160 8.73 -21.97 14.94
CA ALA A 160 8.10 -22.49 16.14
C ALA A 160 8.96 -23.58 16.77
N LEU A 161 9.55 -24.45 15.95
CA LEU A 161 10.44 -25.47 16.47
C LEU A 161 11.65 -24.85 17.16
N LEU A 162 12.25 -23.83 16.52
CA LEU A 162 13.46 -23.22 17.07
C LEU A 162 13.19 -22.46 18.36
N LYS A 163 12.00 -21.85 18.49
CA LYS A 163 11.74 -20.97 19.63
C LYS A 163 11.89 -21.68 20.96
N ALA A 164 11.55 -22.97 21.03
CA ALA A 164 11.62 -23.69 22.30
C ALA A 164 11.93 -25.16 22.05
N GLY A 165 12.93 -25.67 22.77
CA GLY A 165 13.25 -27.08 22.72
C GLY A 165 14.04 -27.47 21.50
N GLY A 166 14.34 -28.77 21.42
CA GLY A 166 15.06 -29.32 20.30
C GLY A 166 14.36 -30.56 19.76
N GLU A 167 14.63 -30.84 18.49
CA GLU A 167 13.99 -31.92 17.76
C GLU A 167 14.77 -32.08 16.45
N GLY A 168 14.31 -32.97 15.58
CA GLY A 168 14.89 -33.09 14.25
C GLY A 168 14.76 -31.80 13.47
N LEU A 169 15.89 -31.25 13.02
CA LEU A 169 15.93 -29.94 12.39
C LEU A 169 16.29 -29.96 10.92
N SER A 170 17.10 -30.92 10.48
CA SER A 170 17.53 -30.94 9.09
C SER A 170 16.37 -31.15 8.13
N ALA A 171 15.32 -31.86 8.57
CA ALA A 171 14.18 -32.11 7.71
C ALA A 171 13.50 -30.81 7.29
N TRP A 172 13.24 -29.93 8.27
CA TRP A 172 12.63 -28.64 7.94
C TRP A 172 13.55 -27.77 7.12
N ASP A 173 14.87 -27.88 7.34
CA ASP A 173 15.82 -27.14 6.52
C ASP A 173 15.71 -27.54 5.05
N ARG A 174 15.70 -28.85 4.78
CA ARG A 174 15.55 -29.31 3.41
C ARG A 174 14.18 -28.92 2.84
N GLU A 175 13.14 -28.98 3.67
CA GLU A 175 11.81 -28.60 3.22
C GLU A 175 11.76 -27.15 2.77
N LEU A 176 12.38 -26.25 3.55
CA LEU A 176 12.36 -24.83 3.20
C LEU A 176 13.26 -24.55 1.99
N ALA A 177 14.41 -25.22 1.92
CA ALA A 177 15.29 -25.05 0.77
C ALA A 177 14.70 -25.60 -0.51
N ARG A 178 13.72 -26.51 -0.41
CA ARG A 178 13.06 -27.01 -1.61
C ARG A 178 12.29 -25.91 -2.33
N TYR A 179 11.80 -24.91 -1.59
CA TYR A 179 10.99 -23.84 -2.17
C TYR A 179 11.75 -22.53 -2.36
N GLY A 180 12.73 -22.26 -1.50
CA GLY A 180 13.46 -21.00 -1.62
C GLY A 180 14.14 -20.83 -2.96
N ASP A 181 14.78 -21.89 -3.45
CA ASP A 181 15.50 -21.81 -4.71
C ASP A 181 14.55 -21.55 -5.88
N GLU A 182 13.40 -22.22 -5.88
CA GLU A 182 12.42 -22.01 -6.94
C GLU A 182 11.91 -20.57 -6.93
N ILE A 183 11.62 -20.04 -5.74
CA ILE A 183 11.16 -18.65 -5.64
C ILE A 183 12.21 -17.70 -6.18
N VAL A 184 13.48 -17.91 -5.79
CA VAL A 184 14.55 -17.02 -6.23
C VAL A 184 14.72 -17.07 -7.75
N ALA A 185 14.69 -18.28 -8.31
CA ALA A 185 14.85 -18.41 -9.76
C ALA A 185 13.71 -17.73 -10.52
N LEU A 186 12.47 -17.90 -10.04
CA LEU A 186 11.35 -17.25 -10.70
C LEU A 186 11.48 -15.74 -10.64
N ARG A 187 11.86 -15.20 -9.48
CA ARG A 187 12.03 -13.76 -9.37
C ARG A 187 13.11 -13.25 -10.32
N ARG A 188 14.24 -13.96 -10.40
CA ARG A 188 15.32 -13.54 -11.29
C ARG A 188 14.86 -13.51 -12.74
N ARG A 189 14.18 -14.57 -13.17
CA ARG A 189 13.73 -14.64 -14.56
C ARG A 189 12.74 -13.51 -14.86
N PHE A 190 11.79 -13.27 -13.96
CA PHE A 190 10.82 -12.21 -14.20
C PHE A 190 11.47 -10.85 -14.29
N LEU A 191 12.40 -10.56 -13.37
CA LEU A 191 13.07 -9.25 -13.41
C LEU A 191 13.88 -9.08 -14.68
N ARG A 192 14.56 -10.15 -15.11
CA ARG A 192 15.33 -10.07 -16.35
C ARG A 192 14.43 -9.78 -17.54
N ARG A 193 13.25 -10.40 -17.58
CA ARG A 193 12.34 -10.14 -18.69
C ARG A 193 11.66 -8.78 -18.57
N PHE A 194 11.58 -8.21 -17.37
CA PHE A 194 10.78 -7.02 -17.13
C PHE A 194 11.56 -5.71 -17.24
N ALA A 195 12.84 -5.69 -16.90
CA ALA A 195 13.56 -4.42 -16.81
C ALA A 195 13.62 -3.62 -18.10
N PRO A 196 14.02 -4.18 -19.25
CA PRO A 196 14.19 -3.33 -20.45
C PRO A 196 12.91 -2.64 -20.91
N ILE A 197 11.75 -3.28 -20.75
CA ILE A 197 10.50 -2.64 -21.13
C ILE A 197 10.29 -1.39 -20.29
N LEU A 198 10.52 -1.49 -18.99
CA LEU A 198 10.38 -0.32 -18.11
C LEU A 198 11.35 0.77 -18.51
N ARG A 199 12.59 0.41 -18.82
CA ARG A 199 13.57 1.43 -19.21
CA ARG A 199 13.58 1.42 -19.21
C ARG A 199 13.14 2.15 -20.47
N GLU A 200 12.70 1.41 -21.49
CA GLU A 200 12.34 2.06 -22.74
C GLU A 200 11.03 2.82 -22.64
N VAL A 201 10.14 2.43 -21.71
CA VAL A 201 8.92 3.19 -21.50
C VAL A 201 9.24 4.51 -20.81
N HIS A 202 10.07 4.46 -19.76
CA HIS A 202 10.42 5.69 -19.04
C HIS A 202 11.29 6.62 -19.88
N ALA A 203 12.01 6.08 -20.87
CA ALA A 203 12.84 6.95 -21.71
C ALA A 203 12.02 7.90 -22.56
N ALA A 204 10.72 7.66 -22.72
CA ALA A 204 9.86 8.51 -23.54
C ALA A 204 9.03 9.50 -22.72
N LEU A 205 9.24 9.56 -21.41
CA LEU A 205 8.50 10.48 -20.56
C LEU A 205 9.38 11.51 -19.86
N ALA A 206 10.69 11.25 -19.78
CA ALA A 206 11.61 12.17 -19.11
C ALA A 206 12.98 12.11 -19.77
N ALA A 207 14.00 12.63 -19.10
CA ALA A 207 15.34 12.66 -19.67
C ALA A 207 16.33 11.80 -18.90
N LYS A 208 16.08 11.52 -17.62
CA LYS A 208 17.05 10.81 -16.81
C LYS A 208 16.95 9.30 -17.04
N GLU A 209 17.74 8.56 -16.28
CA GLU A 209 17.85 7.11 -16.39
C GLU A 209 17.11 6.44 -15.24
N ALA A 210 16.52 5.28 -15.53
CA ALA A 210 15.78 4.51 -14.55
C ALA A 210 16.22 3.05 -14.60
N GLY A 211 16.08 2.36 -13.47
CA GLY A 211 16.49 0.98 -13.39
C GLY A 211 15.96 0.32 -12.15
N LEU A 212 16.34 -0.94 -11.95
CA LEU A 212 15.91 -1.75 -10.83
C LEU A 212 17.10 -2.47 -10.23
N ARG A 213 16.94 -2.91 -8.98
CA ARG A 213 18.00 -3.62 -8.28
C ARG A 213 17.37 -4.50 -7.21
N LEU A 214 17.86 -5.74 -7.11
CA LEU A 214 17.36 -6.71 -6.16
C LEU A 214 18.54 -7.44 -5.54
N GLU A 215 18.81 -7.16 -4.27
CA GLU A 215 19.91 -7.81 -3.56
C GLU A 215 19.38 -8.98 -2.74
N GLU A 216 20.10 -10.10 -2.79
CA GLU A 216 19.68 -11.35 -2.20
C GLU A 216 20.57 -11.73 -1.04
N THR A 217 19.96 -12.18 0.05
CA THR A 217 20.72 -12.71 1.18
C THR A 217 21.26 -14.10 0.91
N ALA A 218 20.53 -14.91 0.15
CA ALA A 218 20.91 -16.28 -0.17
C ALA A 218 20.96 -16.43 -1.68
N GLY A 219 22.12 -16.14 -2.27
CA GLY A 219 22.28 -16.26 -3.70
C GLY A 219 22.76 -17.63 -4.12
N GLU A 220 23.76 -18.16 -3.42
CA GLU A 220 24.32 -19.46 -3.78
C GLU A 220 23.37 -20.60 -3.42
N GLY A 221 22.61 -20.46 -2.35
CA GLY A 221 21.72 -21.52 -1.91
C GLY A 221 21.26 -21.35 -0.48
N VAL A 222 20.04 -21.80 -0.18
CA VAL A 222 19.49 -21.60 1.16
C VAL A 222 20.24 -22.46 2.18
N LEU A 223 20.59 -23.69 1.82
CA LEU A 223 21.24 -24.58 2.76
C LEU A 223 22.61 -24.05 3.19
N ARG A 224 23.40 -23.59 2.22
CA ARG A 224 24.74 -23.09 2.53
C ARG A 224 24.68 -21.86 3.43
N ALA A 225 23.73 -20.95 3.16
CA ALA A 225 23.60 -19.77 3.99
C ALA A 225 23.05 -20.11 5.37
N LEU A 226 22.20 -21.15 5.45
CA LEU A 226 21.66 -21.55 6.75
C LEU A 226 22.73 -22.17 7.63
N GLU A 227 23.58 -23.03 7.05
CA GLU A 227 24.63 -23.66 7.83
C GLU A 227 25.74 -22.70 8.21
N ALA A 228 25.79 -21.51 7.62
CA ALA A 228 26.85 -20.54 7.88
C ALA A 228 26.44 -19.48 8.90
N SER A 229 25.26 -19.58 9.48
CA SER A 229 24.78 -18.60 10.45
C SER A 229 24.09 -19.28 11.62
N ARG A 230 24.64 -20.41 12.07
CA ARG A 230 24.02 -21.15 13.16
C ARG A 230 24.07 -20.39 14.47
N ALA A 231 25.21 -19.74 14.75
CA ALA A 231 25.36 -19.02 16.02
C ALA A 231 24.38 -17.87 16.13
N GLU A 232 24.20 -17.10 15.05
CA GLU A 232 23.26 -15.99 15.07
C GLU A 232 21.83 -16.48 15.27
N GLU A 233 21.47 -17.58 14.63
CA GLU A 233 20.13 -18.15 14.83
C GLU A 233 19.94 -18.60 16.26
N ARG A 234 20.95 -19.24 16.85
CA ARG A 234 20.85 -19.69 18.23
C ARG A 234 20.69 -18.51 19.17
N GLU A 235 21.45 -17.43 18.94
CA GLU A 235 21.36 -16.26 19.81
C GLU A 235 20.02 -15.56 19.67
N ARG A 236 19.58 -15.31 18.44
CA ARG A 236 18.35 -14.56 18.21
C ARG A 236 17.12 -15.42 18.40
N GLY A 237 17.12 -16.63 17.85
CA GLY A 237 15.98 -17.51 17.91
C GLY A 237 15.06 -17.45 16.70
N GLN A 238 15.49 -16.81 15.61
CA GLN A 238 14.68 -16.69 14.41
C GLN A 238 15.54 -16.96 13.18
N THR A 239 14.90 -17.40 12.11
CA THR A 239 15.59 -17.55 10.84
C THR A 239 15.96 -16.18 10.30
N LEU A 240 17.18 -16.07 9.75
CA LEU A 240 17.72 -14.80 9.30
C LEU A 240 18.07 -14.78 7.82
N VAL A 241 17.77 -15.86 7.10
CA VAL A 241 18.12 -15.96 5.68
C VAL A 241 16.94 -16.54 4.91
N GLY A 242 16.68 -15.97 3.75
CA GLY A 242 15.65 -16.49 2.88
C GLY A 242 15.07 -15.45 1.95
N PRO A 243 14.18 -15.88 1.04
CA PRO A 243 13.51 -14.91 0.16
C PRO A 243 12.64 -13.91 0.90
N HIS A 244 12.24 -14.20 2.13
CA HIS A 244 11.40 -13.29 2.90
C HIS A 244 12.18 -12.13 3.51
N ARG A 245 13.41 -11.89 3.04
CA ARG A 245 14.19 -10.75 3.51
C ARG A 245 14.90 -10.03 2.37
N ASP A 246 14.40 -10.14 1.14
CA ASP A 246 15.01 -9.47 0.01
C ASP A 246 14.69 -7.97 0.03
N ASP A 247 15.43 -7.21 -0.77
CA ASP A 247 15.28 -5.77 -0.83
C ASP A 247 15.20 -5.34 -2.29
N LEU A 248 14.19 -4.54 -2.61
CA LEU A 248 14.00 -4.00 -3.96
C LEU A 248 14.13 -2.49 -3.91
N VAL A 249 14.95 -1.92 -4.80
CA VAL A 249 15.23 -0.50 -4.82
C VAL A 249 15.04 0.02 -6.24
N PHE A 250 14.39 1.17 -6.37
CA PHE A 250 14.26 1.88 -7.63
C PHE A 250 15.34 2.95 -7.73
N LEU A 251 15.95 3.07 -8.90
CA LEU A 251 17.10 3.93 -9.09
C LEU A 251 16.78 5.04 -10.08
N LEU A 252 17.13 6.28 -9.72
CA LEU A 252 17.12 7.41 -10.64
C LEU A 252 18.54 7.93 -10.75
N GLU A 253 19.15 7.77 -11.93
CA GLU A 253 20.54 8.15 -12.17
C GLU A 253 21.48 7.45 -11.20
N GLY A 254 21.17 6.19 -10.89
CA GLY A 254 22.04 5.41 -10.03
C GLY A 254 21.95 5.69 -8.55
N ARG A 255 20.86 6.31 -8.09
CA ARG A 255 20.68 6.61 -6.69
C ARG A 255 19.30 6.17 -6.24
N PRO A 256 19.14 5.78 -4.98
CA PRO A 256 17.83 5.33 -4.50
C PRO A 256 16.77 6.40 -4.65
N ALA A 257 15.56 5.98 -5.00
CA ALA A 257 14.48 6.91 -5.30
C ALA A 257 13.65 7.31 -4.10
N HIS A 258 13.85 6.67 -2.94
CA HIS A 258 13.12 7.04 -1.74
C HIS A 258 13.87 8.02 -0.87
N ARG A 259 15.02 8.52 -1.32
CA ARG A 259 15.78 9.53 -0.59
C ARG A 259 16.22 10.71 -1.44
N PHE A 260 16.25 10.60 -2.76
CA PHE A 260 16.75 11.64 -3.64
C PHE A 260 15.79 11.86 -4.81
N ALA A 261 14.50 11.97 -4.53
CA ALA A 261 13.52 12.16 -5.58
C ALA A 261 12.45 13.15 -5.13
N SER A 262 11.95 13.93 -6.09
CA SER A 262 10.87 14.88 -5.86
C SER A 262 9.54 14.27 -6.25
N ARG A 263 8.46 15.04 -6.09
CA ARG A 263 7.13 14.52 -6.36
C ARG A 263 6.93 14.20 -7.84
N GLY A 264 7.38 15.09 -8.72
CA GLY A 264 7.17 14.88 -10.14
C GLY A 264 7.87 13.63 -10.66
N GLU A 265 9.14 13.46 -10.28
CA GLU A 265 9.89 12.29 -10.73
C GLU A 265 9.29 10.99 -10.19
N ALA A 266 8.87 10.99 -8.93
CA ALA A 266 8.25 9.80 -8.37
C ALA A 266 6.93 9.47 -9.07
N LYS A 267 6.12 10.49 -9.37
CA LYS A 267 4.87 10.26 -10.09
C LYS A 267 5.15 9.72 -11.48
N THR A 268 6.16 10.25 -12.16
CA THR A 268 6.53 9.74 -13.48
C THR A 268 6.98 8.29 -13.40
N LEU A 269 7.75 7.94 -12.37
CA LEU A 269 8.17 6.55 -12.19
C LEU A 269 6.98 5.63 -11.98
N ALA A 270 6.02 6.04 -11.15
CA ALA A 270 4.85 5.21 -10.92
C ALA A 270 4.06 5.02 -12.21
N LEU A 271 3.87 6.09 -12.98
CA LEU A 271 3.15 5.97 -14.25
C LEU A 271 3.90 5.06 -15.21
N ALA A 272 5.23 5.16 -15.26
CA ALA A 272 6.02 4.30 -16.13
C ALA A 272 5.88 2.83 -15.74
N LEU A 273 5.91 2.55 -14.43
CA LEU A 273 5.72 1.17 -13.98
C LEU A 273 4.36 0.63 -14.41
N ARG A 274 3.31 1.43 -14.22
CA ARG A 274 1.98 0.98 -14.61
C ARG A 274 1.87 0.75 -16.11
N LEU A 275 2.45 1.66 -16.90
CA LEU A 275 2.40 1.49 -18.35
C LEU A 275 3.18 0.26 -18.81
N ALA A 276 4.33 0.00 -18.19
CA ALA A 276 5.09 -1.20 -18.53
C ALA A 276 4.31 -2.46 -18.19
N GLU A 277 3.64 -2.47 -17.03
CA GLU A 277 2.80 -3.63 -16.68
C GLU A 277 1.68 -3.80 -17.69
N HIS A 278 1.06 -2.69 -18.11
CA HIS A 278 0.00 -2.75 -19.12
C HIS A 278 0.51 -3.36 -20.42
N ARG A 279 1.68 -2.91 -20.88
CA ARG A 279 2.23 -3.43 -22.12
C ARG A 279 2.55 -4.92 -22.01
N LEU A 280 3.16 -5.33 -20.89
CA LEU A 280 3.50 -6.74 -20.72
C LEU A 280 2.26 -7.61 -20.67
N LEU A 281 1.23 -7.17 -19.95
CA LEU A 281 -0.02 -7.93 -19.87
C LEU A 281 -0.69 -8.03 -21.24
N GLY A 282 -0.68 -6.93 -22.00
CA GLY A 282 -1.26 -6.96 -23.33
C GLY A 282 -0.52 -7.91 -24.25
N GLU A 283 0.81 -7.96 -24.15
CA GLU A 283 1.56 -8.95 -24.92
C GLU A 283 1.23 -10.36 -24.47
N HIS A 284 1.06 -10.57 -23.16
CA HIS A 284 0.79 -11.90 -22.64
C HIS A 284 -0.54 -12.44 -23.13
N HIS A 285 -1.61 -11.66 -22.98
CA HIS A 285 -2.94 -12.13 -23.36
C HIS A 285 -3.27 -11.93 -24.83
N GLY A 286 -2.45 -11.19 -25.57
CA GLY A 286 -2.69 -10.93 -26.98
C GLY A 286 -3.50 -9.69 -27.27
N GLU A 287 -4.46 -9.38 -26.40
CA GLU A 287 -5.28 -8.18 -26.52
C GLU A 287 -5.02 -7.26 -25.34
N PRO A 288 -4.53 -6.04 -25.56
CA PRO A 288 -4.21 -5.17 -24.43
C PRO A 288 -5.46 -4.79 -23.66
N PRO A 289 -5.37 -4.64 -22.34
CA PRO A 289 -6.55 -4.28 -21.54
C PRO A 289 -6.94 -2.82 -21.70
N LEU A 290 -7.93 -2.40 -20.91
CA LEU A 290 -8.36 -1.01 -20.91
C LEU A 290 -7.60 -0.22 -19.85
N LEU A 291 -7.23 1.00 -20.19
CA LEU A 291 -6.43 1.85 -19.32
C LEU A 291 -7.29 2.97 -18.75
N LEU A 292 -7.26 3.12 -17.42
CA LEU A 292 -8.00 4.17 -16.73
C LEU A 292 -7.01 4.95 -15.88
N VAL A 293 -6.90 6.25 -16.15
CA VAL A 293 -5.99 7.13 -15.42
C VAL A 293 -6.79 8.13 -14.61
N ASP A 294 -6.41 8.30 -13.35
CA ASP A 294 -7.07 9.25 -12.45
C ASP A 294 -6.07 10.32 -12.05
N GLU A 295 -6.48 11.58 -12.18
CA GLU A 295 -5.62 12.74 -11.90
C GLU A 295 -4.34 12.68 -12.76
N TRP A 296 -4.54 12.75 -14.08
CA TRP A 296 -3.46 12.49 -15.01
C TRP A 296 -2.34 13.53 -14.90
N GLY A 297 -2.69 14.80 -14.76
CA GLY A 297 -1.70 15.85 -14.87
C GLY A 297 -1.71 16.88 -13.75
N GLU A 298 -1.90 16.42 -12.51
CA GLU A 298 -2.06 17.36 -11.41
C GLU A 298 -0.73 18.02 -11.03
N GLU A 299 0.23 17.22 -10.59
CA GLU A 299 1.49 17.74 -10.05
C GLU A 299 2.61 17.74 -11.08
N LEU A 300 2.29 18.01 -12.35
CA LEU A 300 3.27 18.01 -13.42
C LEU A 300 3.29 19.38 -14.09
N ASP A 301 4.43 19.69 -14.71
CA ASP A 301 4.59 20.95 -15.43
C ASP A 301 4.11 20.77 -16.86
N GLU A 302 4.37 21.77 -17.71
CA GLU A 302 3.82 21.76 -19.06
C GLU A 302 4.45 20.67 -19.93
N ALA A 303 5.78 20.56 -19.89
CA ALA A 303 6.47 19.61 -20.75
C ALA A 303 6.08 18.18 -20.42
N ARG A 304 5.99 17.84 -19.14
CA ARG A 304 5.62 16.49 -18.76
C ARG A 304 4.18 16.17 -19.13
N ARG A 305 3.28 17.15 -18.99
CA ARG A 305 1.90 16.93 -19.41
C ARG A 305 1.81 16.69 -20.91
N ARG A 306 2.56 17.49 -21.69
CA ARG A 306 2.57 17.30 -23.14
C ARG A 306 3.11 15.92 -23.51
N ALA A 307 4.17 15.49 -22.81
CA ALA A 307 4.73 14.16 -23.08
C ALA A 307 3.73 13.06 -22.73
N VAL A 308 2.99 13.23 -21.63
CA VAL A 308 2.02 12.23 -21.22
C VAL A 308 0.89 12.13 -22.23
N LEU A 309 0.38 13.28 -22.71
CA LEU A 309 -0.71 13.25 -23.68
C LEU A 309 -0.28 12.60 -24.99
N ALA A 310 0.97 12.80 -25.40
CA ALA A 310 1.44 12.20 -26.65
C ALA A 310 1.45 10.69 -26.59
N TYR A 311 1.87 10.12 -25.46
CA TYR A 311 1.98 8.66 -25.36
C TYR A 311 0.60 7.99 -25.38
N ALA A 312 -0.37 8.57 -24.67
CA ALA A 312 -1.68 7.94 -24.56
C ALA A 312 -2.50 8.04 -25.84
N GLN A 313 -2.06 8.83 -26.82
CA GLN A 313 -2.81 8.96 -28.06
C GLN A 313 -2.70 7.72 -28.94
N ALA A 314 -1.64 6.93 -28.79
CA ALA A 314 -1.42 5.76 -29.63
C ALA A 314 -2.04 4.49 -29.06
N LEU A 315 -2.71 4.57 -27.92
CA LEU A 315 -3.33 3.39 -27.35
C LEU A 315 -4.69 3.12 -27.98
N PRO A 316 -5.17 1.87 -27.94
CA PRO A 316 -6.49 1.56 -28.49
C PRO A 316 -7.61 2.35 -27.84
N GLN A 317 -7.73 2.28 -26.52
CA GLN A 317 -8.75 3.00 -25.79
C GLN A 317 -8.24 3.35 -24.40
N ALA A 318 -8.49 4.60 -23.98
CA ALA A 318 -8.08 5.05 -22.65
C ALA A 318 -9.04 6.16 -22.21
N ILE A 319 -9.12 6.33 -20.88
CA ILE A 319 -9.99 7.33 -20.27
C ILE A 319 -9.18 8.10 -19.24
N LEU A 320 -9.13 9.42 -19.38
CA LEU A 320 -8.43 10.28 -18.44
C LEU A 320 -9.43 11.14 -17.67
N ALA A 321 -9.09 11.46 -16.42
CA ALA A 321 -9.93 12.28 -15.58
C ALA A 321 -9.09 13.33 -14.89
N GLY A 322 -9.71 14.47 -14.59
CA GLY A 322 -9.00 15.54 -13.92
C GLY A 322 -9.88 16.77 -13.80
N LEU A 323 -9.27 17.87 -13.36
CA LEU A 323 -9.96 19.13 -13.19
C LEU A 323 -9.84 20.04 -14.41
N GLU A 324 -9.11 19.62 -15.44
CA GLU A 324 -8.95 20.41 -16.64
C GLU A 324 -9.09 19.53 -17.87
N ALA A 325 -9.46 20.15 -18.98
CA ALA A 325 -9.70 19.43 -20.22
C ALA A 325 -8.46 19.47 -21.09
N PRO A 326 -7.90 18.34 -21.50
CA PRO A 326 -6.77 18.37 -22.43
C PRO A 326 -7.20 18.97 -23.75
N PRO A 327 -6.30 19.69 -24.42
CA PRO A 327 -6.67 20.33 -25.68
C PRO A 327 -6.77 19.32 -26.83
N GLY A 328 -7.89 19.37 -27.55
CA GLY A 328 -8.06 18.57 -28.75
C GLY A 328 -8.62 17.18 -28.54
N VAL A 329 -9.26 16.91 -27.41
CA VAL A 329 -9.81 15.59 -27.15
C VAL A 329 -11.28 15.72 -26.76
N PRO A 330 -12.12 14.71 -27.01
CA PRO A 330 -13.51 14.77 -26.55
C PRO A 330 -13.60 14.92 -25.05
N VAL A 331 -14.56 15.72 -24.59
CA VAL A 331 -14.70 16.07 -23.19
C VAL A 331 -16.12 15.79 -22.73
N CYS A 332 -16.25 15.19 -21.56
CA CYS A 332 -17.53 15.00 -20.89
C CYS A 332 -17.45 15.62 -19.51
N SER A 333 -18.61 16.07 -19.01
CA SER A 333 -18.67 16.79 -17.74
C SER A 333 -19.45 15.98 -16.71
N VAL A 334 -19.04 16.10 -15.45
CA VAL A 334 -19.70 15.44 -14.33
C VAL A 334 -20.16 16.50 -13.35
N VAL A 335 -21.45 16.49 -13.02
CA VAL A 335 -22.03 17.46 -12.09
C VAL A 335 -22.95 16.70 -11.15
N ARG A 336 -22.52 16.51 -9.91
CA ARG A 336 -23.31 15.90 -8.85
C ARG A 336 -23.77 14.48 -9.18
N GLY A 337 -23.05 13.79 -10.06
CA GLY A 337 -23.32 12.39 -10.34
C GLY A 337 -23.89 12.11 -11.72
N VAL A 338 -24.25 13.12 -12.49
CA VAL A 338 -24.81 12.92 -13.82
C VAL A 338 -23.74 13.24 -14.85
N VAL A 339 -23.61 12.38 -15.86
CA VAL A 339 -22.64 12.54 -16.92
C VAL A 339 -23.39 12.94 -18.18
N LEU A 340 -23.14 14.14 -18.67
CA LEU A 340 -23.76 14.64 -19.90
C LEU A 340 -22.68 14.95 -20.92
N CYS A 341 -22.86 14.46 -22.13
CA CYS A 341 -21.87 14.65 -23.20
C CYS A 341 -22.42 15.60 -24.24
N PRO A 342 -21.90 16.83 -24.34
CA PRO A 342 -22.34 17.80 -25.35
C PRO A 342 -21.94 17.37 -26.76
N MET B 2 7.70 39.53 14.67
CA MET B 2 8.70 38.55 14.28
C MET B 2 8.87 38.52 12.75
N ARG B 3 10.06 38.84 12.28
CA ARG B 3 10.37 38.89 10.86
C ARG B 3 11.68 38.20 10.58
N LEU B 4 11.71 37.38 9.53
CA LEU B 4 12.94 36.74 9.06
C LEU B 4 13.61 37.69 8.09
N LEU B 5 14.64 38.39 8.56
CA LEU B 5 15.27 39.42 7.74
C LEU B 5 16.17 38.85 6.65
N LEU B 6 16.91 37.78 6.95
CA LEU B 6 17.94 37.32 6.03
C LEU B 6 18.22 35.84 6.29
N PHE B 7 18.71 35.17 5.26
CA PHE B 7 18.99 33.74 5.32
C PHE B 7 20.09 33.40 4.32
N ARG B 8 21.15 32.75 4.82
CA ARG B 8 22.26 32.33 3.98
C ARG B 8 22.54 30.85 4.21
N GLN B 9 23.21 30.23 3.25
CA GLN B 9 23.52 28.81 3.31
C GLN B 9 24.77 28.54 2.49
N ARG B 10 25.28 27.31 2.62
CA ARG B 10 26.41 26.85 1.83
C ARG B 10 26.44 25.33 1.86
N ASN B 11 26.39 24.71 0.68
CA ASN B 11 26.45 23.25 0.54
C ASN B 11 25.31 22.57 1.29
N PHE B 12 24.08 22.91 0.87
CA PHE B 12 22.87 22.31 1.43
C PHE B 12 22.00 21.84 0.28
N ARG B 13 21.92 20.52 0.09
CA ARG B 13 21.16 19.90 -1.00
C ARG B 13 21.69 20.50 -2.31
N ASN B 14 20.83 20.90 -3.24
CA ASN B 14 21.27 21.45 -4.51
C ASN B 14 21.21 22.97 -4.55
N LEU B 15 20.98 23.62 -3.41
CA LEU B 15 20.92 25.08 -3.38
C LEU B 15 22.27 25.68 -3.73
N ALA B 16 22.24 26.72 -4.55
CA ALA B 16 23.46 27.40 -4.99
C ALA B 16 23.27 28.90 -4.95
N LEU B 17 22.63 29.41 -3.91
CA LEU B 17 22.38 30.83 -3.75
C LEU B 17 23.35 31.42 -2.73
N GLU B 18 23.27 32.74 -2.56
CA GLU B 18 24.08 33.46 -1.58
C GLU B 18 23.26 34.08 -0.46
N ALA B 19 22.14 34.72 -0.78
CA ALA B 19 21.29 35.34 0.22
C ALA B 19 19.86 35.37 -0.29
N TYR B 20 18.92 35.41 0.65
CA TYR B 20 17.50 35.49 0.34
C TYR B 20 16.83 36.39 1.37
N ARG B 21 16.14 37.43 0.90
CA ARG B 21 15.54 38.44 1.76
C ARG B 21 14.04 38.52 1.50
N PRO B 22 13.23 37.73 2.20
CA PRO B 22 11.79 37.79 1.98
C PRO B 22 11.22 39.11 2.45
N PRO B 23 10.17 39.61 1.80
CA PRO B 23 9.54 40.86 2.23
C PRO B 23 8.45 40.59 3.25
N PRO B 24 8.06 41.60 4.03
CA PRO B 24 6.95 41.40 4.97
C PRO B 24 5.64 41.15 4.24
N GLY B 25 4.75 40.41 4.90
CA GLY B 25 3.49 40.04 4.30
C GLY B 25 3.59 38.81 3.43
N LEU B 26 2.54 38.60 2.65
CA LEU B 26 2.44 37.42 1.81
C LEU B 26 3.47 37.47 0.68
N SER B 27 4.03 36.32 0.34
CA SER B 27 4.99 36.18 -0.74
C SER B 27 4.72 34.88 -1.48
N ALA B 28 5.46 34.67 -2.56
CA ALA B 28 5.23 33.50 -3.42
C ALA B 28 6.55 33.01 -4.00
N LEU B 29 6.53 31.75 -4.44
CA LEU B 29 7.65 31.14 -5.12
C LEU B 29 7.12 30.33 -6.30
N VAL B 30 7.81 30.43 -7.44
CA VAL B 30 7.37 29.79 -8.67
C VAL B 30 8.56 29.04 -9.29
N GLY B 31 8.33 27.79 -9.66
CA GLY B 31 9.37 27.01 -10.32
C GLY B 31 8.76 25.77 -10.95
N ALA B 32 9.58 25.12 -11.77
CA ALA B 32 9.17 23.89 -12.45
C ALA B 32 9.54 22.69 -11.58
N ASN B 33 9.48 21.49 -12.16
CA ASN B 33 9.85 20.29 -11.42
C ASN B 33 11.36 20.22 -11.22
N ALA B 34 11.77 19.79 -10.03
CA ALA B 34 13.18 19.59 -9.68
C ALA B 34 13.98 20.89 -9.86
N GLN B 35 13.62 21.90 -9.07
CA GLN B 35 14.30 23.19 -9.13
C GLN B 35 14.82 23.60 -7.77
N GLY B 36 14.12 23.24 -6.70
CA GLY B 36 14.63 23.49 -5.36
C GLY B 36 13.74 24.31 -4.46
N LYS B 37 12.43 24.30 -4.72
CA LYS B 37 11.50 24.97 -3.81
C LYS B 37 11.42 24.23 -2.48
N THR B 38 11.25 22.90 -2.53
CA THR B 38 11.19 22.11 -1.32
C THR B 38 12.48 22.19 -0.52
N SER B 39 13.62 22.19 -1.20
CA SER B 39 14.89 22.31 -0.49
C SER B 39 15.01 23.64 0.23
N LEU B 40 14.60 24.73 -0.43
CA LEU B 40 14.66 26.05 0.21
C LEU B 40 13.74 26.12 1.42
N LEU B 41 12.51 25.61 1.29
CA LEU B 41 11.59 25.62 2.42
C LEU B 41 12.10 24.76 3.56
N LEU B 42 12.67 23.60 3.24
CA LEU B 42 13.20 22.72 4.28
C LEU B 42 14.38 23.36 5.00
N GLY B 43 15.26 24.03 4.25
CA GLY B 43 16.37 24.74 4.87
C GLY B 43 15.90 25.86 5.79
N ILE B 44 14.90 26.62 5.34
CA ILE B 44 14.37 27.69 6.19
C ILE B 44 13.76 27.10 7.46
N HIS B 45 13.05 25.97 7.33
CA HIS B 45 12.47 25.32 8.51
C HIS B 45 13.56 24.85 9.47
N LEU B 46 14.62 24.23 8.94
CA LEU B 46 15.69 23.73 9.81
C LEU B 46 16.43 24.87 10.50
N ALA B 47 16.65 25.98 9.79
CA ALA B 47 17.45 27.06 10.35
C ALA B 47 16.82 27.65 11.61
N LEU B 48 15.51 27.59 11.72
CA LEU B 48 14.81 28.13 12.89
C LEU B 48 14.62 27.11 13.99
N GLY B 49 15.13 25.90 13.83
CA GLY B 49 15.03 24.89 14.87
C GLY B 49 13.79 24.03 14.76
N GLY B 50 13.56 23.46 13.59
CA GLY B 50 12.43 22.59 13.33
C GLY B 50 12.81 21.12 13.42
N GLU B 51 12.01 20.29 12.77
CA GLU B 51 12.22 18.85 12.74
C GLU B 51 12.06 18.34 11.33
N VAL B 52 12.87 17.34 10.97
CA VAL B 52 12.81 16.75 9.65
C VAL B 52 12.89 15.23 9.74
N LEU B 54 14.02 13.23 6.45
CA LEU B 54 15.28 12.97 5.78
C LEU B 54 16.39 12.71 6.78
N GLY B 55 17.29 11.78 6.44
CA GLY B 55 18.40 11.48 7.33
C GLY B 55 19.34 12.66 7.48
N LEU B 56 19.95 12.76 8.66
CA LEU B 56 20.83 13.89 8.93
C LEU B 56 22.08 13.87 8.05
N ALA B 57 22.45 12.69 7.55
CA ALA B 57 23.60 12.56 6.66
C ALA B 57 23.25 12.72 5.19
N ASP B 58 21.96 12.83 4.87
CA ASP B 58 21.51 12.96 3.49
C ASP B 58 21.27 14.41 3.08
N LEU B 59 21.47 15.36 3.98
CA LEU B 59 21.22 16.76 3.70
C LEU B 59 22.45 17.50 3.20
N VAL B 60 23.55 16.80 3.00
CA VAL B 60 24.79 17.41 2.52
C VAL B 60 24.89 17.21 1.01
N ARG B 61 25.43 18.21 0.32
CA ARG B 61 25.60 18.13 -1.13
C ARG B 61 26.44 16.92 -1.51
N PHE B 62 26.25 16.46 -2.74
CA PHE B 62 26.97 15.28 -3.21
C PHE B 62 28.47 15.52 -3.22
N GLY B 63 29.23 14.57 -2.71
CA GLY B 63 30.68 14.67 -2.69
C GLY B 63 31.22 15.79 -1.82
N GLU B 64 30.56 16.08 -0.69
CA GLU B 64 31.04 17.06 0.27
C GLU B 64 30.82 16.50 1.66
N GLU B 65 31.30 17.24 2.67
CA GLU B 65 31.24 16.77 4.05
C GLU B 65 30.78 17.81 5.05
N GLU B 66 30.68 19.09 4.68
CA GLU B 66 30.33 20.15 5.62
C GLU B 66 29.21 20.99 5.03
N ALA B 67 28.22 21.31 5.87
CA ALA B 67 27.09 22.14 5.48
C ALA B 67 26.95 23.27 6.48
N TRP B 68 26.54 24.44 5.98
CA TRP B 68 26.43 25.64 6.80
C TRP B 68 25.08 26.31 6.54
N LEU B 69 24.39 26.65 7.62
CA LEU B 69 23.13 27.40 7.56
C LEU B 69 23.19 28.56 8.53
N HIS B 70 22.66 29.71 8.10
CA HIS B 70 22.70 30.92 8.92
C HIS B 70 21.43 31.72 8.69
N ALA B 71 20.79 32.13 9.78
CA ALA B 71 19.56 32.91 9.73
C ALA B 71 19.63 34.07 10.71
N GLU B 72 18.99 35.17 10.33
CA GLU B 72 18.94 36.36 11.16
C GLU B 72 17.48 36.79 11.31
N VAL B 73 16.98 36.75 12.53
CA VAL B 73 15.60 37.09 12.84
C VAL B 73 15.59 38.24 13.85
N GLU B 74 14.70 39.19 13.64
CA GLU B 74 14.56 40.37 14.50
C GLU B 74 13.16 40.35 15.10
N THR B 75 13.03 39.73 16.26
CA THR B 75 11.74 39.63 16.93
C THR B 75 11.39 41.00 17.55
N GLU B 76 10.28 41.03 18.29
CA GLU B 76 9.80 42.30 18.84
C GLU B 76 10.81 42.88 19.84
N LEU B 77 11.36 42.03 20.71
CA LEU B 77 12.25 42.53 21.76
C LEU B 77 13.63 42.88 21.23
N GLY B 78 14.17 42.09 20.31
CA GLY B 78 15.51 42.34 19.79
C GLY B 78 16.03 41.26 18.88
N ALA B 79 16.87 41.64 17.92
CA ALA B 79 17.38 40.70 16.93
C ALA B 79 18.43 39.78 17.55
N TYR B 80 18.59 38.61 16.92
CA TYR B 80 19.62 37.66 17.30
C TYR B 80 19.88 36.74 16.12
N ARG B 81 21.02 36.06 16.16
CA ARG B 81 21.50 35.25 15.05
C ARG B 81 21.56 33.79 15.43
N LEU B 82 21.57 32.92 14.42
CA LEU B 82 21.68 31.49 14.61
C LEU B 82 22.56 30.90 13.53
N GLU B 83 23.23 29.80 13.86
CA GLU B 83 24.06 29.07 12.89
C GLU B 83 23.95 27.58 13.15
N HIS B 84 24.13 26.80 12.08
CA HIS B 84 24.09 25.35 12.14
C HIS B 84 25.26 24.78 11.35
N ARG B 85 25.92 23.78 11.92
CA ARG B 85 26.97 23.03 11.23
C ARG B 85 26.57 21.58 11.16
N LEU B 86 26.58 21.02 9.95
CA LEU B 86 26.19 19.63 9.73
C LEU B 86 27.35 18.89 9.06
N GLY B 87 27.50 17.61 9.43
CA GLY B 87 28.54 16.79 8.88
C GLY B 87 28.57 15.40 9.49
N PRO B 88 29.76 14.80 9.56
CA PRO B 88 29.84 13.46 10.17
C PRO B 88 29.71 13.50 11.68
N GLY B 89 30.27 14.52 12.33
CA GLY B 89 30.21 14.58 13.79
C GLY B 89 28.79 14.78 14.31
N GLY B 90 28.03 15.66 13.67
CA GLY B 90 26.68 15.94 14.10
C GLY B 90 26.36 17.42 14.12
N ARG B 91 25.15 17.77 14.55
CA ARG B 91 24.74 19.16 14.56
C ARG B 91 25.49 19.94 15.64
N GLU B 92 25.83 21.19 15.32
CA GLU B 92 26.50 22.11 16.25
C GLU B 92 25.72 23.42 16.22
N VAL B 93 24.71 23.52 17.08
CA VAL B 93 23.86 24.69 17.14
C VAL B 93 24.45 25.68 18.13
N LEU B 94 24.70 26.90 17.67
CA LEU B 94 25.20 27.97 18.53
C LEU B 94 24.30 29.18 18.38
N LEU B 95 23.89 29.77 19.51
CA LEU B 95 22.97 30.90 19.53
C LEU B 95 23.77 32.17 19.78
N ASN B 96 23.87 33.01 18.75
CA ASN B 96 24.52 34.32 18.85
C ASN B 96 25.96 34.19 19.33
N GLY B 97 26.65 33.14 18.88
CA GLY B 97 28.05 32.94 19.16
C GLY B 97 28.35 31.93 20.26
N LYS B 98 27.36 31.58 21.07
CA LYS B 98 27.55 30.65 22.19
C LYS B 98 26.87 29.34 21.88
N ARG B 99 27.62 28.24 22.03
CA ARG B 99 27.07 26.92 21.77
C ARG B 99 25.97 26.61 22.78
N VAL B 100 24.90 25.98 22.30
CA VAL B 100 23.75 25.67 23.14
C VAL B 100 22.98 24.50 22.55
N SER B 101 22.18 23.82 23.37
CA SER B 101 21.43 22.65 22.93
C SER B 101 20.12 23.05 22.27
N LEU B 102 19.46 22.07 21.65
CA LEU B 102 18.23 22.32 20.92
C LEU B 102 17.07 22.61 21.88
N ARG B 103 17.13 22.05 23.09
CA ARG B 103 16.07 22.24 24.07
C ARG B 103 15.88 23.72 24.39
N THR B 104 16.96 24.50 24.30
CA THR B 104 16.85 25.95 24.45
C THR B 104 16.05 26.55 23.30
N LEU B 105 16.32 26.09 22.08
CA LEU B 105 15.58 26.60 20.92
C LEU B 105 14.12 26.18 20.96
N TRP B 106 13.81 25.12 21.73
CA TRP B 106 12.43 24.68 21.87
C TRP B 106 11.54 25.78 22.44
N GLU B 107 12.13 26.68 23.23
CA GLU B 107 11.35 27.76 23.83
C GLU B 107 10.96 28.81 22.80
N LEU B 108 11.81 29.02 21.79
CA LEU B 108 11.56 30.06 20.81
C LEU B 108 10.34 29.70 19.95
N PRO B 109 9.68 30.71 19.36
CA PRO B 109 8.48 30.43 18.55
C PRO B 109 8.71 29.44 17.43
N GLY B 110 9.64 29.74 16.52
CA GLY B 110 9.93 28.83 15.44
C GLY B 110 9.07 29.06 14.20
N SER B 111 8.64 27.97 13.57
CA SER B 111 7.85 28.07 12.34
C SER B 111 7.01 26.82 12.20
N VAL B 112 6.00 26.91 11.32
CA VAL B 112 5.10 25.81 11.01
C VAL B 112 5.21 25.50 9.52
N LEU B 113 5.40 24.23 9.19
CA LEU B 113 5.55 23.79 7.80
C LEU B 113 4.40 22.88 7.43
N VAL B 114 3.75 23.18 6.30
CA VAL B 114 2.66 22.38 5.76
C VAL B 114 3.16 21.66 4.53
N SER B 115 3.07 20.34 4.53
CA SER B 115 3.63 19.50 3.49
C SER B 115 2.60 18.45 3.11
N PRO B 116 2.75 17.81 1.93
CA PRO B 116 1.81 16.75 1.55
C PRO B 116 1.86 15.54 2.48
N LEU B 117 2.74 15.57 3.47
CA LEU B 117 2.86 14.48 4.44
C LEU B 117 1.79 14.55 5.53
N ASP B 118 0.99 15.62 5.56
CA ASP B 118 -0.03 15.77 6.59
C ASP B 118 -1.33 15.04 6.27
N LEU B 119 -1.51 14.57 5.02
CA LEU B 119 -2.71 13.84 4.68
C LEU B 119 -2.78 12.49 5.38
N GLU B 120 -1.63 11.85 5.59
CA GLU B 120 -1.61 10.54 6.24
C GLU B 120 -2.10 10.59 7.68
N ALA B 121 -2.10 11.77 8.30
CA ALA B 121 -2.70 11.90 9.62
C ALA B 121 -4.23 11.86 9.57
N VAL B 122 -4.82 11.90 8.37
CA VAL B 122 -6.26 11.88 8.22
C VAL B 122 -6.74 10.58 7.56
N LEU B 123 -6.03 10.12 6.54
CA LEU B 123 -6.40 8.91 5.81
C LEU B 123 -5.61 7.69 6.24
N GLY B 124 -4.87 7.76 7.35
CA GLY B 124 -4.03 6.68 7.78
C GLY B 124 -4.70 5.78 8.80
N PRO B 125 -3.97 4.76 9.25
CA PRO B 125 -4.52 3.83 10.25
C PRO B 125 -4.66 4.46 11.63
N LYS B 126 -5.10 3.65 12.60
CA LYS B 126 -5.31 4.16 13.95
C LYS B 126 -4.01 4.60 14.60
N GLU B 127 -2.93 3.85 14.38
CA GLU B 127 -1.66 4.15 15.03
C GLU B 127 -1.14 5.52 14.61
N GLU B 128 -1.23 5.84 13.31
CA GLU B 128 -0.73 7.13 12.84
C GLU B 128 -1.52 8.29 13.45
N ARG B 129 -2.84 8.16 13.53
CA ARG B 129 -3.65 9.22 14.13
C ARG B 129 -3.32 9.39 15.60
N ARG B 130 -3.17 8.28 16.34
CA ARG B 130 -2.82 8.37 17.75
C ARG B 130 -1.46 9.04 17.94
N ALA B 131 -0.47 8.67 17.11
CA ALA B 131 0.85 9.27 17.22
C ALA B 131 0.80 10.75 16.89
N TYR B 132 0.02 11.14 15.88
CA TYR B 132 -0.12 12.55 15.53
C TYR B 132 -0.70 13.34 16.69
N LEU B 133 -1.75 12.81 17.31
CA LEU B 133 -2.34 13.50 18.46
C LEU B 133 -1.35 13.59 19.61
N ASP B 134 -0.61 12.52 19.86
CA ASP B 134 0.39 12.52 20.93
C ASP B 134 1.42 13.61 20.72
N ARG B 135 1.99 13.68 19.52
CA ARG B 135 3.02 14.69 19.27
C ARG B 135 2.45 16.10 19.26
N LEU B 136 1.22 16.27 18.78
CA LEU B 136 0.59 17.60 18.80
C LEU B 136 0.40 18.08 20.23
N ILE B 137 -0.05 17.20 21.12
CA ILE B 137 -0.19 17.59 22.52
C ILE B 137 1.18 17.84 23.15
N ALA B 138 2.17 17.01 22.81
CA ALA B 138 3.50 17.15 23.38
C ALA B 138 4.15 18.47 22.98
N ARG B 139 3.81 19.01 21.82
CA ARG B 139 4.41 20.26 21.39
C ARG B 139 4.04 21.44 22.29
N PHE B 140 2.98 21.32 23.08
CA PHE B 140 2.54 22.42 23.92
C PHE B 140 2.94 22.29 25.38
N SER B 141 3.20 21.08 25.87
CA SER B 141 3.49 20.85 27.28
C SER B 141 4.70 19.94 27.41
N ARG B 142 5.34 20.01 28.59
CA ARG B 142 6.51 19.20 28.88
C ARG B 142 6.22 18.02 29.78
N ARG B 143 5.17 18.07 30.58
CA ARG B 143 4.83 16.96 31.46
C ARG B 143 4.35 15.74 30.66
N TYR B 144 3.77 15.98 29.48
CA TYR B 144 3.17 14.90 28.71
C TYR B 144 4.21 13.87 28.30
N ALA B 145 5.38 14.32 27.87
CA ALA B 145 6.41 13.38 27.44
C ALA B 145 6.87 12.49 28.58
N ALA B 146 7.11 13.08 29.76
CA ALA B 146 7.54 12.30 30.91
C ALA B 146 6.47 11.30 31.33
N LEU B 147 5.20 11.74 31.34
CA LEU B 147 4.11 10.82 31.67
C LEU B 147 4.04 9.68 30.68
N LEU B 148 4.19 9.97 29.38
CA LEU B 148 4.13 8.92 28.38
C LEU B 148 5.26 7.92 28.54
N SER B 149 6.48 8.42 28.79
CA SER B 149 7.63 7.52 28.96
C SER B 149 7.45 6.62 30.18
N ALA B 150 7.01 7.21 31.30
CA ALA B 150 6.80 6.43 32.51
C ALA B 150 5.72 5.39 32.31
N TYR B 151 4.62 5.77 31.66
CA TYR B 151 3.54 4.81 31.41
C TYR B 151 4.02 3.68 30.51
N GLU B 152 4.81 4.00 29.48
CA GLU B 152 5.31 2.98 28.58
C GLU B 152 6.19 1.99 29.32
N LYS B 153 7.10 2.49 30.16
CA LYS B 153 7.98 1.60 30.91
C LYS B 153 7.19 0.72 31.88
N ALA B 154 6.21 1.31 32.57
CA ALA B 154 5.41 0.53 33.51
C ALA B 154 4.62 -0.55 32.79
N LEU B 155 4.03 -0.22 31.65
CA LEU B 155 3.27 -1.21 30.90
C LEU B 155 4.18 -2.32 30.39
N ARG B 156 5.38 -1.97 29.93
CA ARG B 156 6.33 -2.98 29.49
C ARG B 156 6.69 -3.94 30.62
N GLN B 157 6.98 -3.39 31.81
CA GLN B 157 7.31 -4.24 32.95
C GLN B 157 6.15 -5.16 33.32
N ARG B 158 4.93 -4.61 33.35
CA ARG B 158 3.77 -5.41 33.73
C ARG B 158 3.51 -6.52 32.72
N ASN B 159 3.59 -6.21 31.43
CA ASN B 159 3.38 -7.23 30.41
C ASN B 159 4.46 -8.30 30.47
N ALA B 160 5.71 -7.90 30.68
CA ALA B 160 6.79 -8.87 30.78
C ALA B 160 6.59 -9.81 31.96
N LEU B 161 6.18 -9.25 33.11
CA LEU B 161 5.93 -10.09 34.28
C LEU B 161 4.75 -11.03 34.04
N LEU B 162 3.67 -10.53 33.42
CA LEU B 162 2.48 -11.34 33.24
C LEU B 162 2.70 -12.46 32.23
N LYS B 163 3.46 -12.20 31.17
CA LYS B 163 3.62 -13.20 30.11
C LYS B 163 4.36 -14.43 30.62
N ALA B 164 5.43 -14.24 31.38
CA ALA B 164 6.25 -15.35 31.87
C ALA B 164 5.64 -15.90 33.14
N GLY B 165 4.71 -16.84 32.99
CA GLY B 165 4.08 -17.46 34.15
C GLY B 165 3.22 -16.47 34.92
N GLY B 166 3.26 -16.62 36.25
CA GLY B 166 2.49 -15.75 37.11
C GLY B 166 3.32 -15.30 38.30
N GLU B 167 2.84 -14.23 38.93
CA GLU B 167 3.48 -13.63 40.10
C GLU B 167 2.48 -12.66 40.71
N GLY B 168 2.95 -11.87 41.68
CA GLY B 168 2.10 -10.88 42.32
C GLY B 168 1.99 -9.58 41.55
N LEU B 169 0.79 -9.26 41.09
CA LEU B 169 0.54 -8.04 40.32
C LEU B 169 -0.31 -7.11 41.18
N SER B 170 0.34 -6.33 42.03
CA SER B 170 -0.33 -5.33 42.85
C SER B 170 0.20 -3.92 42.60
N ALA B 171 1.52 -3.75 42.62
CA ALA B 171 2.10 -2.42 42.45
C ALA B 171 2.05 -1.95 41.00
N TRP B 172 2.23 -2.87 40.05
CA TRP B 172 2.25 -2.48 38.65
C TRP B 172 0.91 -1.89 38.23
N ASP B 173 -0.19 -2.50 38.69
CA ASP B 173 -1.51 -1.96 38.41
C ASP B 173 -1.66 -0.57 39.00
N ARG B 174 -1.17 -0.36 40.22
CA ARG B 174 -1.27 0.95 40.85
C ARG B 174 -0.52 2.01 40.05
N GLU B 175 0.70 1.69 39.61
CA GLU B 175 1.47 2.63 38.81
C GLU B 175 0.79 2.93 37.48
N LEU B 176 0.29 1.89 36.81
CA LEU B 176 -0.36 2.07 35.53
C LEU B 176 -1.60 2.96 35.67
N ALA B 177 -2.40 2.73 36.71
CA ALA B 177 -3.57 3.57 36.94
C ALA B 177 -3.16 5.00 37.27
N ARG B 178 -2.13 5.16 38.11
CA ARG B 178 -1.70 6.50 38.51
C ARG B 178 -1.22 7.31 37.31
N TYR B 179 -0.66 6.66 36.30
CA TYR B 179 -0.23 7.42 35.12
C TYR B 179 -1.37 7.62 34.12
N GLY B 180 -2.20 6.60 33.92
CA GLY B 180 -3.30 6.73 32.98
C GLY B 180 -4.33 7.75 33.40
N ASP B 181 -4.61 7.83 34.70
CA ASP B 181 -5.61 8.79 35.17
C ASP B 181 -5.20 10.22 34.89
N GLU B 182 -3.90 10.49 34.83
CA GLU B 182 -3.44 11.84 34.48
C GLU B 182 -3.37 12.03 32.98
N ILE B 183 -2.93 11.01 32.24
CA ILE B 183 -2.82 11.13 30.79
C ILE B 183 -4.19 11.39 30.17
N VAL B 184 -5.20 10.63 30.59
CA VAL B 184 -6.54 10.79 30.03
C VAL B 184 -7.10 12.17 30.36
N ALA B 185 -6.89 12.63 31.59
CA ALA B 185 -7.40 13.94 31.98
C ALA B 185 -6.75 15.04 31.16
N LEU B 186 -5.44 14.97 30.95
CA LEU B 186 -4.77 15.98 30.15
C LEU B 186 -5.27 15.96 28.71
N ARG B 187 -5.45 14.77 28.14
CA ARG B 187 -5.96 14.67 26.77
C ARG B 187 -7.34 15.29 26.65
N ARG B 188 -8.23 14.98 27.61
CA ARG B 188 -9.56 15.56 27.60
C ARG B 188 -9.51 17.08 27.70
N ARG B 189 -8.67 17.60 28.60
CA ARG B 189 -8.60 19.04 28.80
C ARG B 189 -8.11 19.75 27.54
N PHE B 190 -7.14 19.16 26.84
CA PHE B 190 -6.65 19.77 25.61
C PHE B 190 -7.70 19.72 24.50
N LEU B 191 -8.35 18.56 24.35
CA LEU B 191 -9.32 18.41 23.26
C LEU B 191 -10.59 19.20 23.50
N ARG B 192 -10.90 19.55 24.75
CA ARG B 192 -12.06 20.39 25.00
C ARG B 192 -11.89 21.78 24.40
N ARG B 193 -10.65 22.27 24.33
CA ARG B 193 -10.37 23.60 23.81
CA ARG B 193 -10.37 23.60 23.81
C ARG B 193 -9.97 23.61 22.35
N PHE B 194 -9.30 22.54 21.87
CA PHE B 194 -8.82 22.55 20.49
C PHE B 194 -9.96 22.62 19.48
N ALA B 195 -11.08 21.94 19.75
CA ALA B 195 -12.10 21.72 18.72
C ALA B 195 -12.73 22.99 18.17
N PRO B 196 -13.20 23.95 18.99
CA PRO B 196 -13.92 25.09 18.40
C PRO B 196 -13.10 25.90 17.41
N ILE B 197 -11.80 26.06 17.65
CA ILE B 197 -10.95 26.80 16.72
C ILE B 197 -10.90 26.09 15.37
N LEU B 198 -10.75 24.76 15.40
CA LEU B 198 -10.73 23.99 14.16
C LEU B 198 -12.06 24.12 13.42
N ARG B 199 -13.17 24.04 14.15
CA ARG B 199 -14.48 24.16 13.51
C ARG B 199 -14.63 25.52 12.84
N GLU B 200 -14.24 26.59 13.54
CA GLU B 200 -14.36 27.93 12.97
C GLU B 200 -13.47 28.10 11.75
N VAL B 201 -12.24 27.59 11.81
CA VAL B 201 -11.33 27.72 10.68
C VAL B 201 -11.86 26.96 9.47
N HIS B 202 -12.33 25.74 9.68
CA HIS B 202 -12.88 24.97 8.56
C HIS B 202 -14.12 25.64 7.98
N ALA B 203 -14.97 26.21 8.84
CA ALA B 203 -16.14 26.93 8.36
C ALA B 203 -15.72 28.13 7.51
N ALA B 204 -14.64 28.79 7.90
CA ALA B 204 -14.12 29.87 7.07
C ALA B 204 -13.62 29.36 5.73
N LEU B 205 -12.94 28.21 5.73
CA LEU B 205 -12.32 27.70 4.51
C LEU B 205 -13.33 27.06 3.56
N ALA B 206 -14.31 26.33 4.08
CA ALA B 206 -15.22 25.56 3.24
C ALA B 206 -16.64 25.72 3.77
N ALA B 207 -17.54 24.87 3.26
CA ALA B 207 -18.96 24.97 3.57
C ALA B 207 -19.48 23.89 4.51
N LYS B 208 -18.85 22.72 4.54
CA LYS B 208 -19.33 21.63 5.38
C LYS B 208 -18.91 21.88 6.83
N GLU B 209 -19.13 20.89 7.69
CA GLU B 209 -18.82 20.98 9.11
C GLU B 209 -17.87 19.86 9.50
N ALA B 210 -16.89 20.21 10.33
CA ALA B 210 -15.88 19.26 10.78
C ALA B 210 -15.87 19.19 12.31
N GLY B 211 -15.44 18.04 12.82
CA GLY B 211 -15.39 17.84 14.26
C GLY B 211 -14.46 16.71 14.61
N LEU B 212 -14.32 16.49 15.91
CA LEU B 212 -13.42 15.47 16.45
C LEU B 212 -14.19 14.56 17.40
N ARG B 213 -13.78 13.29 17.45
CA ARG B 213 -14.38 12.32 18.35
C ARG B 213 -13.28 11.47 18.96
N LEU B 214 -13.28 11.35 20.28
CA LEU B 214 -12.31 10.55 21.01
C LEU B 214 -13.04 9.41 21.71
N GLU B 215 -12.52 8.19 21.55
CA GLU B 215 -13.10 7.00 22.14
C GLU B 215 -12.18 6.52 23.26
N GLU B 216 -12.73 6.39 24.47
CA GLU B 216 -11.97 6.01 25.64
C GLU B 216 -12.45 4.66 26.14
N THR B 217 -11.51 3.72 26.31
CA THR B 217 -11.85 2.42 26.86
C THR B 217 -12.07 2.47 28.36
N ALA B 218 -11.28 3.27 29.07
CA ALA B 218 -11.37 3.42 30.52
C ALA B 218 -11.70 4.88 30.83
N GLY B 219 -12.99 5.22 30.82
CA GLY B 219 -13.41 6.58 31.04
C GLY B 219 -13.67 6.91 32.50
N GLU B 220 -13.83 5.89 33.33
CA GLU B 220 -14.10 6.08 34.75
C GLU B 220 -12.93 5.74 35.66
N GLY B 221 -12.05 4.83 35.24
CA GLY B 221 -10.91 4.47 36.04
C GLY B 221 -10.14 3.30 35.46
N VAL B 222 -8.81 3.39 35.49
CA VAL B 222 -7.99 2.31 34.94
C VAL B 222 -8.09 1.07 35.82
N LEU B 223 -8.17 1.25 37.15
CA LEU B 223 -8.23 0.12 38.06
C LEU B 223 -9.47 -0.73 37.80
N ARG B 224 -10.63 -0.08 37.68
CA ARG B 224 -11.87 -0.83 37.46
C ARG B 224 -11.87 -1.52 36.10
N ALA B 225 -11.35 -0.84 35.07
CA ALA B 225 -11.28 -1.46 33.75
C ALA B 225 -10.37 -2.68 33.76
N LEU B 226 -9.23 -2.59 34.45
CA LEU B 226 -8.34 -3.74 34.59
C LEU B 226 -9.02 -4.86 35.35
N GLU B 227 -9.75 -4.53 36.42
CA GLU B 227 -10.39 -5.55 37.23
C GLU B 227 -11.48 -6.27 36.44
N ALA B 228 -12.25 -5.54 35.64
CA ALA B 228 -13.40 -6.12 34.93
C ALA B 228 -13.01 -6.94 33.71
N SER B 229 -11.73 -7.23 33.50
CA SER B 229 -11.31 -8.02 32.35
C SER B 229 -10.22 -9.02 32.69
N ARG B 230 -10.14 -9.46 33.94
CA ARG B 230 -8.99 -10.24 34.40
C ARG B 230 -8.92 -11.59 33.70
N ALA B 231 -10.06 -12.24 33.48
CA ALA B 231 -10.06 -13.58 32.89
C ALA B 231 -9.46 -13.55 31.49
N GLU B 232 -9.97 -12.68 30.62
CA GLU B 232 -9.45 -12.62 29.26
C GLU B 232 -8.06 -11.99 29.22
N GLU B 233 -7.73 -11.12 30.18
CA GLU B 233 -6.37 -10.61 30.24
C GLU B 233 -5.36 -11.72 30.53
N ARG B 234 -5.70 -12.60 31.47
CA ARG B 234 -4.82 -13.73 31.77
C ARG B 234 -4.81 -14.73 30.62
N GLU B 235 -5.95 -14.92 29.95
CA GLU B 235 -6.00 -15.88 28.86
C GLU B 235 -5.15 -15.42 27.67
N ARG B 236 -5.32 -14.18 27.23
CA ARG B 236 -4.60 -13.70 26.06
C ARG B 236 -3.14 -13.37 26.39
N GLY B 237 -2.89 -12.81 27.57
CA GLY B 237 -1.55 -12.48 27.98
C GLY B 237 -1.13 -11.04 27.75
N GLN B 238 -2.06 -10.15 27.40
CA GLN B 238 -1.75 -8.75 27.17
C GLN B 238 -2.79 -7.88 27.86
N THR B 239 -2.35 -6.70 28.29
CA THR B 239 -3.28 -5.73 28.85
C THR B 239 -4.19 -5.20 27.75
N LEU B 240 -5.50 -5.21 28.01
CA LEU B 240 -6.49 -4.87 27.00
C LEU B 240 -7.16 -3.53 27.22
N VAL B 241 -6.76 -2.77 28.24
CA VAL B 241 -7.34 -1.47 28.52
C VAL B 241 -6.23 -0.48 28.82
N GLY B 242 -6.57 0.81 28.68
CA GLY B 242 -5.63 1.87 28.96
C GLY B 242 -5.61 2.94 27.89
N PRO B 243 -4.89 4.04 28.16
CA PRO B 243 -4.79 5.11 27.17
C PRO B 243 -4.14 4.71 25.86
N HIS B 244 -3.37 3.63 25.84
CA HIS B 244 -2.66 3.21 24.64
C HIS B 244 -3.53 2.44 23.65
N ARG B 245 -4.85 2.46 23.82
CA ARG B 245 -5.76 1.83 22.87
C ARG B 245 -6.91 2.75 22.48
N ASP B 246 -6.81 4.05 22.74
CA ASP B 246 -7.83 4.98 22.31
C ASP B 246 -7.79 5.17 20.80
N ASP B 247 -8.85 5.75 20.26
CA ASP B 247 -8.97 6.00 18.83
C ASP B 247 -9.44 7.43 18.61
N LEU B 248 -8.90 8.06 17.57
CA LEU B 248 -9.29 9.41 17.17
C LEU B 248 -9.80 9.38 15.75
N VAL B 249 -10.95 10.01 15.52
CA VAL B 249 -11.61 9.98 14.22
C VAL B 249 -11.96 11.41 13.82
N PHE B 250 -11.68 11.76 12.57
CA PHE B 250 -12.07 13.04 12.00
C PHE B 250 -13.38 12.87 11.24
N LEU B 251 -14.32 13.79 11.47
CA LEU B 251 -15.68 13.66 10.96
C LEU B 251 -15.98 14.77 9.97
N LEU B 252 -16.54 14.39 8.83
CA LEU B 252 -17.09 15.33 7.84
C LEU B 252 -18.57 15.05 7.71
N GLU B 253 -19.39 15.99 8.18
CA GLU B 253 -20.85 15.84 8.20
C GLU B 253 -21.28 14.58 8.97
N GLY B 254 -20.60 14.32 10.07
CA GLY B 254 -20.95 13.21 10.92
C GLY B 254 -20.54 11.84 10.44
N ARG B 255 -19.60 11.76 9.51
CA ARG B 255 -19.14 10.48 8.99
C ARG B 255 -17.61 10.44 9.02
N PRO B 256 -17.04 9.25 9.19
CA PRO B 256 -15.57 9.14 9.25
C PRO B 256 -14.93 9.63 7.96
N ALA B 257 -13.81 10.32 8.10
CA ALA B 257 -13.13 10.93 6.96
C ALA B 257 -12.27 9.95 6.18
N HIS B 258 -11.80 8.87 6.82
CA HIS B 258 -10.89 7.97 6.14
C HIS B 258 -11.59 6.94 5.27
N ARG B 259 -12.93 6.95 5.22
CA ARG B 259 -13.68 6.02 4.40
C ARG B 259 -14.56 6.69 3.34
N PHE B 260 -14.88 7.97 3.49
CA PHE B 260 -15.82 8.63 2.59
C PHE B 260 -15.28 9.89 1.93
N ALA B 261 -14.33 10.60 2.57
CA ALA B 261 -13.88 11.87 2.04
C ALA B 261 -13.07 11.67 0.77
N SER B 262 -13.02 12.74 -0.05
CA SER B 262 -12.25 12.76 -1.28
C SER B 262 -10.90 13.42 -1.05
N ARG B 263 -10.17 13.68 -2.13
CA ARG B 263 -8.84 14.28 -2.00
C ARG B 263 -8.92 15.73 -1.56
N GLY B 264 -9.79 16.51 -2.21
CA GLY B 264 -9.89 17.92 -1.88
C GLY B 264 -10.36 18.15 -0.45
N GLU B 265 -11.36 17.39 0.00
CA GLU B 265 -11.85 17.53 1.36
C GLU B 265 -10.78 17.17 2.38
N ALA B 266 -10.03 16.10 2.12
CA ALA B 266 -8.96 15.71 3.04
C ALA B 266 -7.87 16.77 3.09
N LYS B 267 -7.49 17.32 1.93
CA LYS B 267 -6.48 18.37 1.91
C LYS B 267 -6.94 19.60 2.67
N THR B 268 -8.21 19.99 2.48
CA THR B 268 -8.75 21.13 3.21
C THR B 268 -8.76 20.88 4.71
N LEU B 269 -9.13 19.67 5.12
CA LEU B 269 -9.15 19.33 6.55
C LEU B 269 -7.75 19.40 7.14
N ALA B 270 -6.75 18.87 6.43
CA ALA B 270 -5.38 18.92 6.93
C ALA B 270 -4.88 20.35 7.04
N LEU B 271 -5.17 21.18 6.03
CA LEU B 271 -4.75 22.57 6.09
C LEU B 271 -5.43 23.29 7.25
N ALA B 272 -6.71 22.99 7.49
CA ALA B 272 -7.42 23.60 8.61
C ALA B 272 -6.79 23.19 9.94
N LEU B 273 -6.41 21.92 10.06
CA LEU B 273 -5.75 21.46 11.29
C LEU B 273 -4.45 22.21 11.52
N ARG B 274 -3.64 22.35 10.48
CA ARG B 274 -2.37 23.06 10.62
C ARG B 274 -2.59 24.52 10.98
N LEU B 275 -3.57 25.18 10.36
CA LEU B 275 -3.83 26.58 10.66
C LEU B 275 -4.36 26.75 12.08
N ALA B 276 -5.18 25.82 12.55
CA ALA B 276 -5.65 25.89 13.94
C ALA B 276 -4.49 25.74 14.91
N GLU B 277 -3.56 24.81 14.63
CA GLU B 277 -2.38 24.69 15.47
C GLU B 277 -1.56 25.97 15.46
N HIS B 278 -1.41 26.59 14.30
CA HIS B 278 -0.67 27.85 14.20
C HIS B 278 -1.33 28.93 15.04
N ARG B 279 -2.65 29.05 14.97
CA ARG B 279 -3.35 30.08 15.73
C ARG B 279 -3.21 29.83 17.23
N LEU B 280 -3.33 28.56 17.65
CA LEU B 280 -3.19 28.26 19.08
C LEU B 280 -1.79 28.58 19.56
N LEU B 281 -0.76 28.24 18.78
CA LEU B 281 0.61 28.57 19.16
C LEU B 281 0.80 30.07 19.25
N GLY B 282 0.23 30.83 18.31
CA GLY B 282 0.34 32.27 18.36
C GLY B 282 -0.31 32.85 19.60
N GLU B 283 -1.50 32.35 19.96
CA GLU B 283 -2.17 32.83 21.15
C GLU B 283 -1.48 32.39 22.43
N HIS B 284 -0.69 31.32 22.38
CA HIS B 284 -0.03 30.82 23.59
C HIS B 284 1.32 31.49 23.83
N HIS B 285 2.23 31.39 22.86
CA HIS B 285 3.60 31.89 23.06
C HIS B 285 3.63 33.41 23.24
N GLY B 286 2.87 34.13 22.42
CA GLY B 286 2.83 35.58 22.52
C GLY B 286 2.82 36.29 21.18
N GLU B 287 3.45 35.68 20.17
CA GLU B 287 3.45 36.22 18.82
C GLU B 287 3.39 35.05 17.84
N PRO B 288 2.63 35.19 16.75
CA PRO B 288 2.45 34.08 15.83
C PRO B 288 3.76 33.68 15.17
N PRO B 289 3.99 32.39 14.96
CA PRO B 289 5.18 31.94 14.25
C PRO B 289 5.05 32.16 12.75
N LEU B 290 6.19 32.10 12.08
CA LEU B 290 6.21 32.16 10.62
C LEU B 290 5.54 30.92 10.04
N LEU B 291 4.77 31.11 8.97
CA LEU B 291 4.04 30.03 8.34
C LEU B 291 4.62 29.73 6.97
N LEU B 292 4.90 28.46 6.70
CA LEU B 292 5.43 28.02 5.42
C LEU B 292 4.48 26.98 4.83
N VAL B 293 3.98 27.25 3.63
CA VAL B 293 3.07 26.35 2.94
C VAL B 293 3.72 25.92 1.63
N ASP B 294 3.79 24.61 1.42
CA ASP B 294 4.46 24.03 0.26
C ASP B 294 3.41 23.40 -0.63
N GLU B 295 3.44 23.76 -1.91
CA GLU B 295 2.56 23.19 -2.93
C GLU B 295 1.09 23.39 -2.54
N TRP B 296 0.70 24.67 -2.52
CA TRP B 296 -0.52 25.07 -1.85
C TRP B 296 -1.79 24.70 -2.61
N GLY B 297 -1.78 24.80 -3.94
CA GLY B 297 -3.04 24.77 -4.67
C GLY B 297 -3.18 23.80 -5.83
N GLU B 298 -2.70 22.57 -5.69
CA GLU B 298 -2.80 21.63 -6.81
C GLU B 298 -4.19 21.02 -6.94
N GLU B 299 -4.63 20.28 -5.93
CA GLU B 299 -5.83 19.47 -6.03
C GLU B 299 -7.09 20.20 -5.56
N LEU B 300 -7.13 21.52 -5.71
CA LEU B 300 -8.29 22.32 -5.32
C LEU B 300 -8.87 23.03 -6.53
N ASP B 301 -10.16 23.32 -6.48
CA ASP B 301 -10.85 24.03 -7.55
C ASP B 301 -10.65 25.54 -7.36
N GLU B 302 -11.38 26.32 -8.14
CA GLU B 302 -11.17 27.78 -8.13
C GLU B 302 -11.64 28.38 -6.81
N ALA B 303 -12.83 28.00 -6.34
CA ALA B 303 -13.39 28.61 -5.13
C ALA B 303 -12.52 28.31 -3.91
N ARG B 304 -12.07 27.06 -3.78
CA ARG B 304 -11.24 26.71 -2.64
C ARG B 304 -9.91 27.44 -2.67
N ARG B 305 -9.29 27.56 -3.86
CA ARG B 305 -8.04 28.29 -3.97
C ARG B 305 -8.23 29.76 -3.61
N ARG B 306 -9.32 30.37 -4.07
CA ARG B 306 -9.58 31.77 -3.74
C ARG B 306 -9.80 31.95 -2.24
N ALA B 307 -10.52 31.02 -1.62
CA ALA B 307 -10.73 31.10 -0.18
C ALA B 307 -9.42 30.97 0.59
N VAL B 308 -8.57 30.03 0.15
CA VAL B 308 -7.28 29.84 0.82
C VAL B 308 -6.44 31.10 0.72
N LEU B 309 -6.38 31.69 -0.47
CA LEU B 309 -5.59 32.91 -0.66
C LEU B 309 -6.14 34.05 0.17
N ALA B 310 -7.48 34.19 0.22
CA ALA B 310 -8.08 35.25 1.01
C ALA B 310 -7.78 35.09 2.49
N TYR B 311 -7.83 33.85 2.99
CA TYR B 311 -7.50 33.62 4.40
C TYR B 311 -6.03 33.92 4.66
N ALA B 312 -5.13 33.50 3.77
CA ALA B 312 -3.71 33.72 3.99
C ALA B 312 -3.31 35.18 3.82
N GLN B 313 -4.14 35.99 3.15
CA GLN B 313 -3.80 37.39 2.94
C GLN B 313 -3.66 38.16 4.25
N ALA B 314 -4.32 37.71 5.31
CA ALA B 314 -4.39 38.47 6.56
C ALA B 314 -3.31 38.10 7.57
N LEU B 315 -2.41 37.18 7.23
CA LEU B 315 -1.40 36.76 8.19
C LEU B 315 -0.24 37.74 8.23
N PRO B 316 0.45 37.84 9.37
CA PRO B 316 1.61 38.76 9.45
C PRO B 316 2.70 38.45 8.45
N GLN B 317 2.96 37.16 8.19
CA GLN B 317 3.97 36.77 7.21
C GLN B 317 3.72 35.33 6.80
N ALA B 318 3.88 35.06 5.51
CA ALA B 318 3.72 33.71 4.98
C ALA B 318 4.46 33.62 3.65
N ILE B 319 4.85 32.40 3.30
CA ILE B 319 5.52 32.12 2.04
C ILE B 319 4.84 30.92 1.38
N LEU B 320 4.43 31.10 0.13
CA LEU B 320 3.76 30.05 -0.63
C LEU B 320 4.62 29.63 -1.80
N ALA B 321 4.61 28.34 -2.11
CA ALA B 321 5.37 27.79 -3.23
C ALA B 321 4.45 26.92 -4.07
N GLY B 322 4.62 26.98 -5.38
CA GLY B 322 3.78 26.19 -6.27
C GLY B 322 4.18 26.39 -7.71
N LEU B 323 3.48 25.67 -8.58
CA LEU B 323 3.77 25.72 -10.01
C LEU B 323 3.23 26.99 -10.67
N GLU B 324 2.17 27.58 -10.13
CA GLU B 324 1.52 28.72 -10.74
C GLU B 324 1.51 29.90 -9.76
N ALA B 325 1.81 31.08 -10.28
CA ALA B 325 1.90 32.27 -9.45
C ALA B 325 0.50 32.72 -9.03
N PRO B 326 0.27 33.00 -7.75
CA PRO B 326 -1.00 33.60 -7.34
C PRO B 326 -1.13 34.99 -7.92
N PRO B 327 -2.35 35.44 -8.20
CA PRO B 327 -2.55 36.77 -8.80
C PRO B 327 -2.56 37.86 -7.74
N GLY B 328 -1.79 38.93 -7.98
CA GLY B 328 -1.81 40.09 -7.11
C GLY B 328 -0.86 40.06 -5.95
N VAL B 329 0.16 39.21 -5.97
CA VAL B 329 1.12 39.13 -4.88
C VAL B 329 2.54 39.18 -5.44
N PRO B 330 3.53 39.65 -4.69
CA PRO B 330 4.91 39.60 -5.17
C PRO B 330 5.36 38.16 -5.40
N VAL B 331 6.18 37.97 -6.43
CA VAL B 331 6.59 36.64 -6.86
C VAL B 331 8.09 36.62 -7.11
N CYS B 332 8.70 35.48 -6.79
CA CYS B 332 10.11 35.22 -7.07
C CYS B 332 10.24 33.86 -7.71
N SER B 333 11.16 33.74 -8.66
CA SER B 333 11.32 32.53 -9.45
C SER B 333 12.57 31.77 -9.03
N VAL B 334 12.54 30.45 -9.21
CA VAL B 334 13.65 29.57 -8.89
C VAL B 334 14.01 28.80 -10.16
N VAL B 335 15.29 28.86 -10.53
CA VAL B 335 15.78 28.18 -11.74
C VAL B 335 17.10 27.50 -11.39
N ARG B 336 17.09 26.17 -11.40
CA ARG B 336 18.30 25.36 -11.20
C ARG B 336 19.00 25.71 -9.89
N GLY B 337 18.23 25.98 -8.85
CA GLY B 337 18.76 26.19 -7.52
C GLY B 337 19.06 27.62 -7.14
N VAL B 338 19.03 28.56 -8.07
CA VAL B 338 19.30 29.96 -7.77
C VAL B 338 17.97 30.70 -7.67
N VAL B 339 17.93 31.70 -6.82
CA VAL B 339 16.73 32.50 -6.58
C VAL B 339 17.01 33.92 -7.03
N LEU B 340 16.19 34.42 -7.94
CA LEU B 340 16.29 35.79 -8.44
C LEU B 340 14.95 36.49 -8.26
N CYS B 341 15.00 37.76 -7.85
CA CYS B 341 13.81 38.53 -7.57
C CYS B 341 13.83 39.85 -8.32
N PRO B 342 12.67 40.36 -8.73
CA PRO B 342 12.56 41.65 -9.42
C PRO B 342 13.04 42.81 -8.57
N GLU C 38 -32.46 -17.08 -37.62
CA GLU C 38 -31.71 -15.86 -37.35
C GLU C 38 -30.38 -16.16 -36.69
N GLU C 39 -30.33 -16.01 -35.36
CA GLU C 39 -29.10 -16.31 -34.64
C GLU C 39 -28.74 -17.79 -34.76
N ALA C 40 -29.73 -18.68 -34.62
CA ALA C 40 -29.47 -20.10 -34.81
C ALA C 40 -29.09 -20.40 -36.26
N GLU C 41 -29.74 -19.74 -37.21
CA GLU C 41 -29.41 -19.96 -38.62
C GLU C 41 -27.98 -19.54 -38.94
N ALA C 42 -27.47 -18.52 -38.25
CA ALA C 42 -26.08 -18.13 -38.44
C ALA C 42 -25.15 -19.25 -38.02
N LEU C 43 -25.43 -19.89 -36.88
CA LEU C 43 -24.65 -21.04 -36.45
C LEU C 43 -24.77 -22.18 -37.46
N ALA C 44 -25.98 -22.42 -37.97
CA ALA C 44 -26.18 -23.49 -38.93
C ALA C 44 -25.36 -23.27 -40.20
N GLU C 45 -25.35 -22.05 -40.72
CA GLU C 45 -24.59 -21.78 -41.94
C GLU C 45 -23.09 -21.76 -41.67
N ALA C 46 -22.67 -21.32 -40.47
CA ALA C 46 -21.26 -21.34 -40.15
C ALA C 46 -20.73 -22.75 -39.96
N LEU C 47 -21.58 -23.68 -39.51
CA LEU C 47 -21.13 -25.04 -39.30
C LEU C 47 -20.78 -25.73 -40.61
N GLU C 48 -21.42 -25.35 -41.71
CA GLU C 48 -21.13 -25.96 -43.00
C GLU C 48 -19.72 -25.61 -43.47
N GLY C 49 -19.21 -24.44 -43.10
CA GLY C 49 -17.88 -24.05 -43.52
C GLY C 49 -16.79 -24.97 -43.00
N ILE C 50 -16.88 -25.34 -41.72
CA ILE C 50 -15.92 -26.24 -41.12
C ILE C 50 -16.24 -27.67 -41.49
N PRO D 5 -6.63 -20.88 -40.02
CA PRO D 5 -7.37 -20.77 -38.77
C PRO D 5 -8.38 -19.64 -38.78
N GLU D 6 -8.41 -18.88 -39.87
CA GLU D 6 -9.33 -17.75 -39.98
C GLU D 6 -10.78 -18.21 -40.09
N SER D 7 -11.02 -19.44 -40.56
CA SER D 7 -12.39 -19.91 -40.71
C SER D 7 -13.08 -20.09 -39.36
N LEU D 8 -12.33 -20.54 -38.35
CA LEU D 8 -12.92 -20.81 -37.04
C LEU D 8 -13.42 -19.55 -36.35
N LEU D 9 -13.05 -18.37 -36.85
CA LEU D 9 -13.48 -17.14 -36.21
C LEU D 9 -15.01 -17.01 -36.19
N LYS D 10 -15.65 -17.31 -37.32
CA LYS D 10 -17.11 -17.20 -37.38
C LYS D 10 -17.78 -18.18 -36.41
N LEU D 11 -17.24 -19.40 -36.33
CA LEU D 11 -17.80 -20.38 -35.40
C LEU D 11 -17.65 -19.93 -33.96
N THR D 12 -16.48 -19.38 -33.61
CA THR D 12 -16.28 -18.89 -32.26
C THR D 12 -17.22 -17.73 -31.94
N ARG D 13 -17.41 -16.82 -32.91
CA ARG D 13 -18.32 -15.70 -32.70
C ARG D 13 -19.75 -16.20 -32.49
N ALA D 14 -20.18 -17.19 -33.28
CA ALA D 14 -21.52 -17.73 -33.13
C ALA D 14 -21.70 -18.41 -31.78
N LEU D 15 -20.70 -19.18 -31.35
CA LEU D 15 -20.80 -19.90 -30.08
C LEU D 15 -20.67 -18.99 -28.87
N SER D 16 -20.05 -17.82 -29.03
CA SER D 16 -19.86 -16.93 -27.90
C SER D 16 -21.17 -16.30 -27.43
N ARG D 17 -22.11 -16.06 -28.35
CA ARG D 17 -23.31 -15.32 -28.00
C ARG D 17 -24.26 -16.13 -27.12
N LEU D 18 -24.29 -17.44 -27.27
CA LEU D 18 -25.22 -18.25 -26.51
C LEU D 18 -24.89 -18.20 -25.02
N PRO D 19 -25.88 -18.20 -24.14
CA PRO D 19 -25.60 -18.12 -22.70
C PRO D 19 -24.95 -19.40 -22.18
N GLY D 20 -24.18 -19.25 -21.11
CA GLY D 20 -23.56 -20.37 -20.44
C GLY D 20 -22.18 -20.75 -20.92
N ILE D 21 -21.65 -20.07 -21.93
CA ILE D 21 -20.33 -20.37 -22.47
C ILE D 21 -19.51 -19.08 -22.50
N GLY D 22 -18.34 -19.13 -21.89
CA GLY D 22 -17.44 -17.98 -21.89
C GLY D 22 -16.67 -17.88 -23.19
N PRO D 23 -15.98 -16.75 -23.35
CA PRO D 23 -15.19 -16.56 -24.59
C PRO D 23 -14.12 -17.62 -24.79
N LYS D 24 -13.46 -18.05 -23.71
CA LYS D 24 -12.46 -19.11 -23.84
C LYS D 24 -13.11 -20.48 -24.01
N THR D 25 -14.28 -20.68 -23.44
CA THR D 25 -14.98 -21.95 -23.60
C THR D 25 -15.37 -22.19 -25.06
N ALA D 26 -15.78 -21.14 -25.77
CA ALA D 26 -16.16 -21.28 -27.17
C ALA D 26 -14.99 -21.73 -28.02
N GLN D 27 -13.80 -21.19 -27.77
CA GLN D 27 -12.62 -21.62 -28.52
C GLN D 27 -12.30 -23.09 -28.24
N ARG D 28 -12.42 -23.50 -26.98
CA ARG D 28 -12.17 -24.90 -26.64
C ARG D 28 -13.17 -25.82 -27.34
N LEU D 29 -14.44 -25.43 -27.35
CA LEU D 29 -15.46 -26.23 -28.03
C LEU D 29 -15.17 -26.32 -29.53
N ALA D 30 -14.80 -25.20 -30.14
CA ALA D 30 -14.48 -25.20 -31.57
C ALA D 30 -13.29 -26.10 -31.86
N LEU D 31 -12.25 -26.04 -31.02
CA LEU D 31 -11.10 -26.89 -31.22
C LEU D 31 -11.46 -28.36 -31.07
N HIS D 32 -12.28 -28.69 -30.06
CA HIS D 32 -12.71 -30.07 -29.89
C HIS D 32 -13.55 -30.54 -31.06
N LEU D 33 -14.28 -29.63 -31.71
CA LEU D 33 -15.09 -29.98 -32.87
C LEU D 33 -14.27 -30.04 -34.17
N ALA D 34 -13.04 -29.54 -34.16
CA ALA D 34 -12.26 -29.47 -35.38
C ALA D 34 -11.79 -30.85 -35.84
N PHE D 35 -11.27 -31.66 -34.91
CA PHE D 35 -10.73 -32.97 -35.24
C PHE D 35 -11.69 -34.11 -34.94
N HIS D 36 -12.96 -33.80 -34.64
CA HIS D 36 -13.97 -34.81 -34.39
C HIS D 36 -15.10 -34.67 -35.40
N LYS D 37 -14.73 -34.56 -36.68
CA LYS D 37 -15.69 -34.24 -37.74
C LYS D 37 -16.80 -35.28 -37.86
N GLU D 38 -16.59 -36.49 -37.30
CA GLU D 38 -17.64 -37.50 -37.32
C GLU D 38 -18.93 -36.96 -36.71
N GLU D 39 -18.88 -36.57 -35.44
CA GLU D 39 -20.04 -35.98 -34.77
C GLU D 39 -20.32 -34.55 -35.20
N ALA D 40 -19.33 -33.84 -35.75
CA ALA D 40 -19.54 -32.46 -36.15
C ALA D 40 -20.56 -32.36 -37.29
N GLU D 41 -20.45 -33.24 -38.29
CA GLU D 41 -21.45 -33.25 -39.35
C GLU D 41 -22.82 -33.64 -38.81
N ALA D 42 -22.86 -34.62 -37.90
CA ALA D 42 -24.12 -34.98 -37.25
C ALA D 42 -24.65 -33.83 -36.42
N LEU D 43 -23.77 -33.10 -35.74
CA LEU D 43 -24.20 -31.97 -34.91
C LEU D 43 -24.89 -30.91 -35.75
N ALA D 44 -24.34 -30.60 -36.92
CA ALA D 44 -25.00 -29.66 -37.82
C ALA D 44 -26.32 -30.22 -38.32
N GLU D 45 -26.37 -31.52 -38.60
CA GLU D 45 -27.59 -32.16 -39.07
C GLU D 45 -28.52 -32.56 -37.94
N ALA D 46 -28.12 -32.35 -36.68
CA ALA D 46 -28.97 -32.73 -35.55
C ALA D 46 -30.28 -31.94 -35.54
N LEU D 47 -30.21 -30.63 -35.78
CA LEU D 47 -31.39 -29.79 -35.80
C LEU D 47 -31.64 -29.18 -37.18
N GLU D 48 -30.65 -28.49 -37.73
CA GLU D 48 -30.76 -27.85 -39.05
C GLU D 48 -31.99 -26.96 -39.16
N SER E 79 5.43 -59.64 1.88
CA SER E 79 6.55 -59.09 2.64
C SER E 79 6.80 -57.63 2.27
N LEU E 80 5.72 -56.88 2.08
CA LEU E 80 5.78 -55.46 1.77
C LEU E 80 5.18 -54.67 2.93
N LEU E 81 5.85 -53.57 3.29
CA LEU E 81 5.46 -52.78 4.44
C LEU E 81 5.16 -51.35 4.00
N ALA E 82 4.12 -50.75 4.59
CA ALA E 82 3.75 -49.39 4.33
C ALA E 82 3.45 -48.68 5.64
N VAL E 83 3.67 -47.37 5.66
CA VAL E 83 3.48 -46.54 6.84
C VAL E 83 2.45 -45.47 6.52
N VAL E 84 1.47 -45.30 7.42
CA VAL E 84 0.31 -44.45 7.17
C VAL E 84 0.06 -43.60 8.41
N GLU E 85 -0.50 -42.40 8.19
CA GLU E 85 -0.76 -41.49 9.31
C GLU E 85 -1.77 -42.09 10.28
N SER E 86 -2.92 -42.53 9.77
CA SER E 86 -4.02 -42.95 10.64
C SER E 86 -4.80 -44.06 9.96
N VAL E 87 -5.75 -44.63 10.70
CA VAL E 87 -6.51 -45.77 10.20
C VAL E 87 -7.38 -45.38 9.03
N ALA E 88 -7.75 -44.09 8.92
CA ALA E 88 -8.62 -43.67 7.83
C ALA E 88 -7.96 -43.89 6.49
N ASP E 89 -6.74 -43.38 6.31
CA ASP E 89 -6.01 -43.63 5.07
C ASP E 89 -5.65 -45.09 4.92
N LEU E 90 -5.49 -45.80 6.05
CA LEU E 90 -5.25 -47.25 5.97
C LEU E 90 -6.40 -47.95 5.27
N TYR E 91 -7.62 -47.70 5.72
CA TYR E 91 -8.79 -48.31 5.09
C TYR E 91 -8.99 -47.80 3.67
N ALA E 92 -8.71 -46.52 3.43
CA ALA E 92 -8.86 -45.97 2.08
C ALA E 92 -7.91 -46.65 1.10
N LEU E 93 -6.67 -46.92 1.55
CA LEU E 93 -5.69 -47.56 0.68
C LEU E 93 -5.99 -49.04 0.50
N GLU E 94 -6.42 -49.72 1.57
CA GLU E 94 -6.70 -51.14 1.47
C GLU E 94 -7.95 -51.42 0.65
N ARG E 95 -8.94 -50.51 0.70
CA ARG E 95 -10.20 -50.73 0.01
C ARG E 95 -9.99 -50.85 -1.50
N SER E 96 -9.15 -49.98 -2.07
CA SER E 96 -8.85 -50.08 -3.50
C SER E 96 -8.09 -51.37 -3.81
N GLY E 97 -7.27 -51.83 -2.88
CA GLY E 97 -6.64 -53.14 -2.99
C GLY E 97 -5.68 -53.34 -4.14
N GLU E 98 -4.80 -52.37 -4.39
CA GLU E 98 -3.78 -52.57 -5.42
C GLU E 98 -2.76 -53.63 -5.02
N PHE E 99 -2.38 -53.65 -3.74
CA PHE E 99 -1.38 -54.58 -3.25
C PHE E 99 -1.80 -55.09 -1.88
N ARG E 100 -1.16 -56.18 -1.45
CA ARG E 100 -1.36 -56.74 -0.12
C ARG E 100 -0.01 -56.88 0.55
N GLY E 101 0.08 -56.41 1.79
CA GLY E 101 1.32 -56.50 2.53
C GLY E 101 1.12 -56.12 3.98
N LEU E 102 2.23 -56.08 4.71
CA LEU E 102 2.20 -55.65 6.10
C LEU E 102 1.87 -54.16 6.17
N TYR E 103 1.01 -53.81 7.13
CA TYR E 103 0.48 -52.45 7.24
C TYR E 103 0.86 -51.89 8.61
N HIS E 104 1.28 -50.62 8.62
CA HIS E 104 1.65 -49.95 9.85
C HIS E 104 0.99 -48.58 9.91
N VAL E 105 0.66 -48.15 11.13
CA VAL E 105 -0.04 -46.89 11.37
C VAL E 105 0.74 -46.09 12.40
N LEU E 106 0.86 -44.78 12.15
CA LEU E 106 1.52 -43.88 13.08
C LEU E 106 0.51 -43.22 14.01
N GLY E 107 1.03 -42.53 15.02
CA GLY E 107 0.17 -41.75 15.89
C GLY E 107 -0.44 -40.56 15.17
N GLY E 108 0.32 -39.93 14.29
CA GLY E 108 -0.17 -38.76 13.57
C GLY E 108 0.96 -38.12 12.78
N ALA E 109 0.76 -36.84 12.47
CA ALA E 109 1.75 -36.08 11.71
C ALA E 109 2.87 -35.62 12.66
N LEU E 110 3.75 -34.77 12.16
CA LEU E 110 4.90 -34.28 12.93
C LEU E 110 4.98 -32.76 12.76
N ASN E 111 4.33 -32.03 13.67
CA ASN E 111 4.33 -30.58 13.63
C ASN E 111 4.63 -30.04 15.02
N PRO E 112 5.58 -29.10 15.15
CA PRO E 112 5.96 -28.58 16.46
C PRO E 112 5.09 -27.45 16.97
N LEU E 113 4.11 -26.99 16.19
CA LEU E 113 3.27 -25.89 16.66
C LEU E 113 2.46 -26.28 17.88
N GLU E 114 1.91 -27.50 17.88
CA GLU E 114 1.13 -27.99 19.02
C GLU E 114 1.84 -29.12 19.76
N GLY E 115 3.16 -29.25 19.57
CA GLY E 115 3.97 -30.12 20.40
C GLY E 115 3.80 -31.62 20.19
N ILE E 116 4.12 -32.10 19.00
CA ILE E 116 4.18 -33.53 18.72
C ILE E 116 5.55 -33.81 18.14
N GLY E 117 6.45 -34.36 18.95
CA GLY E 117 7.76 -34.74 18.50
C GLY E 117 7.84 -36.21 18.17
N PRO E 118 9.04 -36.70 17.86
CA PRO E 118 9.20 -38.14 17.59
C PRO E 118 8.81 -39.02 18.77
N LYS E 119 9.03 -38.57 19.99
CA LYS E 119 8.68 -39.37 21.16
C LYS E 119 7.18 -39.57 21.27
N GLU E 120 6.39 -38.54 20.97
CA GLU E 120 4.94 -38.65 21.05
C GLU E 120 4.37 -39.58 19.99
N LEU E 121 5.16 -39.94 18.98
CA LEU E 121 4.72 -40.89 17.97
C LEU E 121 5.19 -42.29 18.33
N ASN E 122 4.83 -43.25 17.49
CA ASN E 122 5.14 -44.67 17.71
C ASN E 122 6.32 -45.14 16.89
N LEU E 123 7.34 -44.30 16.67
CA LEU E 123 8.52 -44.72 15.93
C LEU E 123 9.24 -45.87 16.61
N GLU E 124 9.21 -45.92 17.95
CA GLU E 124 9.90 -46.99 18.66
C GLU E 124 9.33 -48.35 18.32
N GLY E 125 8.00 -48.45 18.25
CA GLY E 125 7.38 -49.73 17.92
C GLY E 125 7.74 -50.21 16.52
N LEU E 126 7.87 -49.28 15.58
CA LEU E 126 8.19 -49.61 14.21
C LEU E 126 9.56 -50.26 14.09
N PHE E 127 10.46 -49.93 15.02
CA PHE E 127 11.84 -50.41 14.95
C PHE E 127 12.02 -51.83 15.46
N ARG E 128 10.99 -52.44 16.03
CA ARG E 128 11.15 -53.78 16.56
C ARG E 128 11.13 -54.85 15.47
N ARG E 129 10.41 -54.62 14.38
CA ARG E 129 10.16 -55.67 13.41
C ARG E 129 10.68 -55.34 12.01
N LEU E 130 11.92 -54.84 11.92
CA LEU E 130 12.54 -54.67 10.61
C LEU E 130 13.02 -56.00 10.01
N GLU E 131 12.98 -57.08 10.78
CA GLU E 131 13.48 -58.37 10.29
C GLU E 131 12.63 -58.87 9.14
N GLY E 132 13.28 -59.41 8.12
CA GLY E 132 12.58 -59.94 6.97
C GLY E 132 12.02 -58.91 6.02
N VAL E 133 12.36 -57.63 6.20
CA VAL E 133 11.84 -56.56 5.37
C VAL E 133 12.84 -56.28 4.25
N GLU E 134 12.36 -56.27 3.02
CA GLU E 134 13.17 -55.98 1.86
C GLU E 134 12.77 -54.69 1.15
N GLU E 135 11.61 -54.13 1.47
CA GLU E 135 11.12 -52.92 0.81
C GLU E 135 10.10 -52.24 1.71
N VAL E 136 10.15 -50.92 1.76
CA VAL E 136 9.19 -50.13 2.53
C VAL E 136 8.79 -48.92 1.68
N VAL E 137 7.50 -48.62 1.69
CA VAL E 137 6.94 -47.48 0.96
C VAL E 137 6.25 -46.56 1.96
N LEU E 138 6.50 -45.27 1.83
CA LEU E 138 5.97 -44.28 2.77
C LEU E 138 4.76 -43.61 2.12
N ALA E 139 3.58 -44.13 2.43
CA ALA E 139 2.34 -43.53 1.94
C ALA E 139 1.93 -42.43 2.92
N THR E 140 2.24 -41.20 2.57
CA THR E 140 2.06 -40.07 3.47
C THR E 140 1.34 -38.95 2.73
N SER E 141 0.61 -38.13 3.48
CA SER E 141 -0.22 -37.07 2.90
C SER E 141 0.62 -36.03 2.17
N MET E 142 -0.05 -35.08 1.52
CA MET E 142 0.60 -34.08 0.68
C MET E 142 0.87 -32.76 1.41
N THR E 143 0.57 -32.68 2.70
CA THR E 143 0.86 -31.47 3.45
C THR E 143 2.36 -31.39 3.77
N VAL E 144 2.79 -30.21 4.22
CA VAL E 144 4.20 -30.01 4.53
C VAL E 144 4.63 -30.88 5.71
N GLU E 145 3.75 -31.08 6.69
CA GLU E 145 4.08 -31.96 7.81
C GLU E 145 4.31 -33.38 7.32
N GLY E 146 3.51 -33.84 6.37
CA GLY E 146 3.73 -35.15 5.80
C GLY E 146 5.08 -35.27 5.11
N GLU E 147 5.47 -34.23 4.37
CA GLU E 147 6.78 -34.26 3.70
C GLU E 147 7.91 -34.26 4.71
N ALA E 148 7.80 -33.48 5.78
CA ALA E 148 8.83 -33.48 6.81
C ALA E 148 8.93 -34.84 7.47
N THR E 149 7.79 -35.47 7.78
CA THR E 149 7.80 -36.80 8.37
C THR E 149 8.44 -37.81 7.43
N ALA E 150 8.12 -37.73 6.13
CA ALA E 150 8.71 -38.64 5.16
C ALA E 150 10.20 -38.45 5.08
N LEU E 151 10.68 -37.21 5.11
CA LEU E 151 12.11 -36.96 5.07
C LEU E 151 12.80 -37.54 6.30
N TYR E 152 12.21 -37.33 7.48
CA TYR E 152 12.81 -37.86 8.70
C TYR E 152 12.85 -39.39 8.68
N LEU E 153 11.76 -40.02 8.25
CA LEU E 153 11.73 -41.47 8.16
C LEU E 153 12.75 -42.00 7.16
N ALA E 154 12.86 -41.34 6.00
CA ALA E 154 13.82 -41.78 5.00
C ALA E 154 15.24 -41.67 5.53
N GLU E 155 15.56 -40.57 6.22
CA GLU E 155 16.89 -40.42 6.81
C GLU E 155 17.17 -41.51 7.82
N GLU E 156 16.19 -41.80 8.69
CA GLU E 156 16.41 -42.80 9.73
C GLU E 156 16.60 -44.19 9.13
N LEU E 157 15.74 -44.58 8.19
CA LEU E 157 15.86 -45.89 7.58
C LEU E 157 17.16 -46.01 6.78
N LYS E 158 17.55 -44.95 6.06
CA LYS E 158 18.82 -44.98 5.36
C LYS E 158 19.99 -45.11 6.33
N LYS E 159 19.89 -44.51 7.52
CA LYS E 159 20.88 -44.75 8.55
C LYS E 159 20.91 -46.22 8.94
N ARG E 160 19.73 -46.83 9.10
CA ARG E 160 19.68 -48.27 9.31
C ARG E 160 20.01 -49.03 8.03
N GLY E 161 19.46 -48.59 6.91
CA GLY E 161 19.73 -49.15 5.60
C GLY E 161 18.62 -50.05 5.07
N VAL E 162 17.73 -49.47 4.29
CA VAL E 162 16.63 -50.12 3.59
C VAL E 162 16.26 -49.24 2.40
N ARG E 163 16.12 -49.84 1.22
CA ARG E 163 15.71 -49.07 0.06
C ARG E 163 14.25 -48.64 0.20
N VAL E 164 13.98 -47.36 -0.03
CA VAL E 164 12.66 -46.79 0.22
C VAL E 164 12.11 -46.20 -1.07
N THR E 165 10.78 -46.11 -1.13
CA THR E 165 10.08 -45.48 -2.24
C THR E 165 8.92 -44.67 -1.69
N ARG E 166 8.40 -43.76 -2.52
CA ARG E 166 7.26 -42.94 -2.20
C ARG E 166 6.33 -42.87 -3.40
N PRO E 167 5.02 -42.71 -3.16
CA PRO E 167 4.08 -42.55 -4.28
C PRO E 167 4.32 -41.24 -5.01
N ALA E 168 3.93 -41.23 -6.29
CA ALA E 168 4.07 -40.04 -7.13
C ALA E 168 3.17 -38.92 -6.63
#